data_7S8P
#
_entry.id   7S8P
#
_cell.length_a   1.00
_cell.length_b   1.00
_cell.length_c   1.00
_cell.angle_alpha   90.00
_cell.angle_beta   90.00
_cell.angle_gamma   90.00
#
_symmetry.space_group_name_H-M   'P 1'
#
loop_
_entity.id
_entity.type
_entity.pdbx_description
1 polymer 'Gs-mini-Gq chimera'
2 polymer 'Guanine nucleotide-binding protein G(I)/G(S)/G(T) subunit beta-1'
3 polymer 'Guanine nucleotide-binding protein G(I)/G(S)/G(O) subunit gamma-2'
4 polymer scFv16
5 polymer 'Soluble cytochrome b562,Mas-related G-protein coupled receptor member X4 chimera'
6 non-polymer N-[(1r,3R,5S,7R)-3,5-dimethyltricyclo[3.3.1.1~3,7~]decane-1-carbonyl]-D-phenylalanine
#
loop_
_entity_poly.entity_id
_entity_poly.type
_entity_poly.pdbx_seq_one_letter_code
_entity_poly.pdbx_strand_id
1 'polypeptide(L)'
;MGSTVSAEDKAAAERSKMIDKNLREDGEKARRTLRLLLLGADNSGKSTIVKQMRILHGGSGGSGGTSGIFETKFQVDKVN
FHMFDVGGQRDERRKWIQCFNDVTAIIFVVDSSDYNRLQEALNDFKSIWNNRWLRTISVILFLNKQDLLAEKVLAGKSKI
EDYFPEFARYTTPEDATPEPGEDPRVTRAKYFIRKEFVDISTASGDGRHICYPHFTCAVDTENARRIFNDCKDIILQMNL
REYNLV
;
B
2 'polypeptide(L)'
;MHHHHHHLEVLFQGPGSSGSELDQLRQEAEQLKNQIRDARKACADATLSQITNNIDPVGRIQMRTRRTLRGHLAKIYAMH
WGTDSRLLVSASQDGKLIIWDSYTTNKVHAIPLRSSWVMTCAYAPSGNYVACGGLDNICSIYNLKTREGNVRVSRELAGH
TGYLSCCRFLDDNQIVTSSGDTTCALWDIETGQQTTTFTGHTGDVMSLSLAPDTRLFVSGACDASAKLWDVREGMCRQTF
TGHESDINAICFFPNGNAFATGSDDATCRLFDLRADQELMTYSHDNIICGITSVSFSKSGRLLLAGYDDFNCNVWDALKA
DRAGVLAGHDNRVSCLGVTDDGMAVATGSWDSFLKIWN
;
C
3 'polypeptide(L)' MASNNTASIAQARKLVEQLKMEANIDRIKVSKAAADLMAYCEAHAKEDPLLTPVPASENPFREKKFFCAIL D
4 'polypeptide(L)'
;DVQLVESGGGLVQPGGSRKLSCSASGFAFSSFGMHWVRQAPEKGLEWVAYISSGSGTIYYADTVKGRFTISRDDPKNTLF
LQMTSLRSEDTAMYYCVRSIYYYGSSPFDFWGQGTTLTVSSGGGGSGGGGSGGGGSDIVMTQATSSVPVTPGESVSISCR
SSKSLLHSNGNTYLYWFLQRPGQSPQLLIYRMSNLASGVPDRFSGSGSGTAFTLTISRLEAEDVGVYYCMQHLEYPLTFG
AGTKLELKAAALEVLFQGPHHHHHHHH
;
E
5 'polypeptide(L)'
;DYKDDDDAKLQTMHHHHHHHHHHENLYFQGGTTMADLEDNWETLNDNLKVIEKADNAAQVKDALTKMRAAALDAQKATPP
KLEDKSPDSPEMKDFRHGFDILVGQIDDALKLANEGKVKEAQAAAEQLKTTRNAYIQKYLGSTLEVLFQGPDPTVPVFGT
KLTPINGREETPCYNQTLSFTVLTCIISLVGLTGNAVVLWLLGYRMRRNAVSIYILNLAAADFLFLSFQIIRLPLRLINI
SHLIRKILVSVMTFPYFTGLSMLSAISTERCLSVLWPIWYRCRRPTHLSAVVCVLLWGLSLLFSMLEWRFCDFLFSGADS
SWCETSDFIPVAWLIFLCVVLCVSSLVLLVRILCGSRKMPLTRLYVTILLTVLVFLLCGLPFGILGALIYRMHLNLEVLY
CHVYLVCMSLSSLNSSANPIIYFFVGSFRQRQNRQNLKLVLQRALQDKPEVDKGEGQLPEESLELSGSRLGP
;
R
#
# COMPACT_ATOMS: atom_id res chain seq x y z
N THR A 4 1.75 -26.37 -14.94
CA THR A 4 2.30 -25.19 -15.61
C THR A 4 1.27 -24.06 -15.66
N VAL A 5 1.51 -23.09 -16.52
CA VAL A 5 0.63 -21.94 -16.69
C VAL A 5 0.19 -21.87 -18.14
N SER A 6 -1.07 -21.57 -18.36
CA SER A 6 -1.62 -21.52 -19.71
C SER A 6 -1.09 -20.30 -20.45
N ALA A 7 -1.36 -20.27 -21.77
CA ALA A 7 -0.86 -19.18 -22.59
C ALA A 7 -1.48 -17.85 -22.18
N GLU A 8 -2.77 -17.82 -21.87
CA GLU A 8 -3.39 -16.57 -21.47
C GLU A 8 -3.03 -16.18 -20.05
N ASP A 9 -2.85 -17.16 -19.15
CA ASP A 9 -2.43 -16.84 -17.80
C ASP A 9 -0.99 -16.34 -17.76
N LYS A 10 -0.22 -16.57 -18.82
CA LYS A 10 1.14 -16.07 -18.90
C LYS A 10 1.19 -14.65 -19.46
N ALA A 11 0.21 -14.27 -20.28
CA ALA A 11 0.15 -12.90 -20.79
C ALA A 11 -0.38 -11.94 -19.74
N ALA A 12 -1.25 -12.41 -18.85
CA ALA A 12 -1.72 -11.55 -17.76
C ALA A 12 -0.60 -11.25 -16.78
N ALA A 13 0.33 -12.18 -16.58
CA ALA A 13 1.45 -11.93 -15.68
C ALA A 13 2.39 -10.89 -16.25
N GLU A 14 2.59 -10.88 -17.57
CA GLU A 14 3.41 -9.86 -18.19
C GLU A 14 2.76 -8.48 -18.10
N ARG A 15 1.44 -8.43 -18.11
CA ARG A 15 0.72 -7.17 -17.94
C ARG A 15 0.92 -6.60 -16.54
N SER A 16 0.96 -7.48 -15.54
CA SER A 16 1.09 -7.01 -14.16
C SER A 16 2.43 -6.33 -13.92
N LYS A 17 3.51 -6.86 -14.49
CA LYS A 17 4.84 -6.26 -14.29
C LYS A 17 4.90 -4.84 -14.83
N MET A 18 4.25 -4.59 -15.97
CA MET A 18 4.23 -3.23 -16.52
C MET A 18 3.47 -2.27 -15.61
N ILE A 19 2.45 -2.76 -14.89
CA ILE A 19 1.79 -1.92 -13.90
C ILE A 19 2.72 -1.63 -12.74
N ASP A 20 3.42 -2.65 -12.24
CA ASP A 20 4.36 -2.43 -11.15
C ASP A 20 5.47 -1.46 -11.54
N LYS A 21 5.93 -1.53 -12.80
CA LYS A 21 7.00 -0.66 -13.24
C LYS A 21 6.59 0.81 -13.16
N ASN A 22 5.37 1.13 -13.63
CA ASN A 22 4.92 2.51 -13.62
C ASN A 22 4.64 3.02 -12.21
N LEU A 23 4.22 2.14 -11.31
CA LEU A 23 4.00 2.54 -9.92
C LEU A 23 5.28 2.96 -9.22
N ARG A 24 6.44 2.68 -9.80
CA ARG A 24 7.72 2.99 -9.18
C ARG A 24 8.24 4.37 -9.55
N GLU A 25 8.04 4.83 -10.80
CA GLU A 25 8.46 6.19 -11.14
C GLU A 25 7.66 7.22 -10.36
N ASP A 26 6.36 6.99 -10.17
CA ASP A 26 5.54 7.94 -9.43
C ASP A 26 5.96 8.00 -7.97
N GLY A 27 6.40 6.87 -7.41
CA GLY A 27 6.91 6.89 -6.05
C GLY A 27 8.23 7.61 -5.91
N GLU A 28 9.04 7.62 -6.97
CA GLU A 28 10.31 8.34 -6.91
C GLU A 28 10.12 9.84 -7.05
N LYS A 29 9.19 10.27 -7.91
CA LYS A 29 8.90 11.69 -8.03
C LYS A 29 8.27 12.25 -6.76
N ALA A 30 7.39 11.48 -6.13
CA ALA A 30 6.73 11.91 -4.90
C ALA A 30 7.67 11.97 -3.71
N ARG A 31 8.87 11.40 -3.81
CA ARG A 31 9.78 11.39 -2.66
C ARG A 31 10.53 12.70 -2.52
N ARG A 32 10.54 13.55 -3.55
CA ARG A 32 11.29 14.80 -3.51
C ARG A 32 10.37 16.02 -3.39
N THR A 33 9.15 15.84 -2.92
CA THR A 33 8.24 16.94 -2.65
C THR A 33 7.88 16.94 -1.16
N LEU A 34 8.01 18.09 -0.53
CA LEU A 34 7.76 18.24 0.90
C LEU A 34 6.36 18.79 1.13
N ARG A 35 5.63 18.17 2.05
CA ARG A 35 4.23 18.48 2.28
C ARG A 35 4.05 19.20 3.62
N LEU A 36 3.16 20.19 3.63
CA LEU A 36 2.94 21.06 4.78
C LEU A 36 1.44 21.23 4.99
N LEU A 37 1.06 21.53 6.23
CA LEU A 37 -0.34 21.78 6.57
C LEU A 37 -0.48 23.14 7.22
N LEU A 38 -1.54 23.87 6.85
CA LEU A 38 -1.76 25.24 7.28
C LEU A 38 -2.97 25.31 8.21
N LEU A 39 -2.78 25.93 9.38
CA LEU A 39 -3.83 26.05 10.38
C LEU A 39 -3.88 27.48 10.91
N GLY A 40 -5.07 27.89 11.31
CA GLY A 40 -5.32 29.21 11.85
C GLY A 40 -6.79 29.55 11.73
N ALA A 41 -7.38 30.12 12.77
CA ALA A 41 -8.84 30.22 12.83
C ALA A 41 -9.36 31.27 11.86
N ASP A 42 -9.02 32.53 12.11
CA ASP A 42 -9.42 33.66 11.27
C ASP A 42 -8.65 34.86 11.78
N ASN A 43 -8.92 36.03 11.19
CA ASN A 43 -8.28 37.30 11.55
C ASN A 43 -6.76 37.18 11.62
N SER A 44 -6.20 36.19 10.93
CA SER A 44 -4.80 35.84 11.07
C SER A 44 -3.98 36.02 9.80
N GLY A 45 -4.62 36.17 8.65
CA GLY A 45 -3.87 36.32 7.40
C GLY A 45 -3.11 35.08 6.97
N LYS A 46 -3.73 33.91 7.05
CA LYS A 46 -3.11 32.70 6.52
C LYS A 46 -2.82 32.84 5.04
N SER A 47 -3.79 33.33 4.28
CA SER A 47 -3.71 33.32 2.82
C SER A 47 -2.64 34.24 2.27
N THR A 48 -2.06 35.11 3.09
CA THR A 48 -1.03 36.04 2.64
C THR A 48 0.28 35.84 3.40
N ILE A 49 0.68 34.60 3.60
CA ILE A 49 1.96 34.31 4.26
C ILE A 49 3.07 34.06 3.26
N VAL A 50 2.82 33.23 2.26
CA VAL A 50 3.76 32.97 1.18
C VAL A 50 3.19 33.58 -0.09
N LYS A 51 3.94 34.48 -0.71
CA LYS A 51 3.47 35.18 -1.91
C LYS A 51 4.03 34.54 -3.18
N GLY A 68 -13.34 21.70 -0.81
CA GLY A 68 -12.87 20.99 0.37
C GLY A 68 -11.47 21.36 0.80
N ILE A 69 -10.52 21.29 -0.14
CA ILE A 69 -9.12 21.56 0.11
C ILE A 69 -8.60 22.50 -0.97
N PHE A 70 -7.89 23.55 -0.55
CA PHE A 70 -7.16 24.41 -1.46
C PHE A 70 -5.67 24.12 -1.34
N GLU A 71 -4.96 24.20 -2.45
CA GLU A 71 -3.54 23.84 -2.49
C GLU A 71 -2.72 25.01 -3.02
N THR A 72 -1.41 24.92 -2.79
CA THR A 72 -0.46 25.94 -3.18
C THR A 72 0.90 25.27 -3.37
N LYS A 73 1.69 25.79 -4.30
CA LYS A 73 3.00 25.25 -4.60
C LYS A 73 4.02 26.36 -4.75
N PHE A 74 5.26 26.09 -4.32
CA PHE A 74 6.35 27.04 -4.50
C PHE A 74 7.67 26.29 -4.37
N GLN A 75 8.74 26.95 -4.79
CA GLN A 75 10.06 26.34 -4.82
C GLN A 75 11.11 27.31 -4.25
N VAL A 76 12.09 26.74 -3.56
CA VAL A 76 13.19 27.52 -3.00
C VAL A 76 14.44 26.64 -2.98
N ASP A 77 15.51 27.12 -3.61
CA ASP A 77 16.78 26.39 -3.73
C ASP A 77 16.58 25.00 -4.35
N LYS A 78 15.71 24.94 -5.36
CA LYS A 78 15.48 23.72 -6.15
C LYS A 78 14.86 22.60 -5.31
N VAL A 79 13.96 22.96 -4.39
CA VAL A 79 13.21 22.01 -3.59
C VAL A 79 11.74 22.39 -3.68
N ASN A 80 10.89 21.39 -3.94
CA ASN A 80 9.47 21.64 -4.14
C ASN A 80 8.71 21.54 -2.82
N PHE A 81 7.70 22.40 -2.68
CA PHE A 81 6.83 22.40 -1.52
C PHE A 81 5.38 22.33 -1.97
N HIS A 82 4.53 21.80 -1.09
CA HIS A 82 3.11 21.63 -1.39
C HIS A 82 2.32 21.83 -0.12
N MET A 83 1.49 22.87 -0.07
CA MET A 83 0.85 23.32 1.16
C MET A 83 -0.66 23.19 1.03
N PHE A 84 -1.30 22.69 2.09
CA PHE A 84 -2.73 22.37 2.09
C PHE A 84 -3.43 23.09 3.22
N ASP A 85 -4.55 23.74 2.89
CA ASP A 85 -5.46 24.27 3.90
C ASP A 85 -6.87 23.72 3.68
N VAL A 86 -7.51 23.31 4.76
CA VAL A 86 -8.79 22.61 4.71
C VAL A 86 -9.85 23.52 5.31
N GLY A 87 -10.80 23.93 4.49
CA GLY A 87 -11.86 24.82 4.92
C GLY A 87 -13.04 24.86 3.98
N ARG A 93 -12.52 19.39 14.35
CA ARG A 93 -11.41 18.99 13.49
C ARG A 93 -10.78 17.71 14.02
N ARG A 94 -11.32 17.19 15.10
CA ARG A 94 -10.72 16.05 15.77
C ARG A 94 -10.87 14.76 14.98
N LYS A 95 -11.35 14.76 13.75
CA LYS A 95 -11.54 13.51 13.03
C LYS A 95 -10.67 13.36 11.79
N TRP A 96 -10.56 14.39 10.97
CA TRP A 96 -9.75 14.31 9.75
C TRP A 96 -8.29 14.66 9.99
N ILE A 97 -7.90 15.01 11.21
CA ILE A 97 -6.52 15.33 11.49
C ILE A 97 -5.63 14.10 11.44
N GLN A 98 -6.23 12.91 11.47
CA GLN A 98 -5.46 11.68 11.36
C GLN A 98 -4.79 11.55 10.01
N CYS A 99 -5.41 12.08 8.95
CA CYS A 99 -4.84 11.96 7.62
C CYS A 99 -3.46 12.61 7.55
N PHE A 100 -3.25 13.68 8.30
CA PHE A 100 -1.99 14.41 8.29
C PHE A 100 -1.05 13.92 9.39
N ASN A 101 -0.86 12.60 9.42
CA ASN A 101 0.00 11.95 10.40
C ASN A 101 1.44 11.85 9.94
N ASP A 102 1.74 12.24 8.71
CA ASP A 102 3.07 12.03 8.16
C ASP A 102 3.63 13.24 7.43
N VAL A 103 3.04 14.42 7.61
CA VAL A 103 3.57 15.61 6.94
C VAL A 103 4.88 16.03 7.58
N THR A 104 5.60 16.90 6.88
CA THR A 104 6.90 17.37 7.36
C THR A 104 6.76 18.34 8.51
N ALA A 105 5.81 19.28 8.42
CA ALA A 105 5.66 20.28 9.47
C ALA A 105 4.27 20.89 9.39
N ILE A 106 3.85 21.50 10.50
CA ILE A 106 2.58 22.21 10.62
C ILE A 106 2.86 23.70 10.80
N ILE A 107 2.19 24.54 10.02
CA ILE A 107 2.33 25.98 10.10
C ILE A 107 1.11 26.54 10.84
N PHE A 108 1.35 27.23 11.96
CA PHE A 108 0.31 27.79 12.80
C PHE A 108 0.46 29.31 12.80
N VAL A 109 -0.65 30.02 12.56
CA VAL A 109 -0.64 31.47 12.38
C VAL A 109 -1.53 32.11 13.45
N VAL A 110 -1.01 33.13 14.12
CA VAL A 110 -1.72 33.83 15.19
C VAL A 110 -1.67 35.33 14.93
N ASP A 111 -2.77 36.02 15.23
CA ASP A 111 -2.81 37.47 15.26
C ASP A 111 -2.53 37.93 16.68
N SER A 112 -1.49 38.75 16.85
CA SER A 112 -1.05 39.20 18.17
C SER A 112 -1.37 40.67 18.41
N SER A 113 -2.34 41.23 17.69
CA SER A 113 -2.69 42.64 17.83
C SER A 113 -3.88 42.87 18.75
N ASP A 114 -4.90 42.01 18.72
CA ASP A 114 -6.06 42.16 19.60
C ASP A 114 -5.96 41.18 20.77
N TYR A 115 -6.08 41.72 21.98
CA TYR A 115 -5.82 40.95 23.19
C TYR A 115 -7.03 40.15 23.66
N ASN A 116 -8.19 40.36 23.06
CA ASN A 116 -9.40 39.69 23.54
C ASN A 116 -9.49 38.24 23.10
N ARG A 117 -8.63 37.79 22.17
CA ARG A 117 -8.76 36.45 21.62
C ARG A 117 -7.47 35.65 21.68
N LEU A 118 -6.48 36.08 22.47
CA LEU A 118 -5.28 35.26 22.64
C LEU A 118 -5.58 34.01 23.44
N GLN A 119 -6.42 34.10 24.47
CA GLN A 119 -6.69 32.93 25.28
C GLN A 119 -7.39 31.84 24.49
N GLU A 120 -8.19 32.22 23.49
CA GLU A 120 -8.74 31.22 22.58
C GLU A 120 -7.67 30.65 21.66
N ALA A 121 -6.69 31.48 21.27
CA ALA A 121 -5.60 31.01 20.44
C ALA A 121 -4.66 30.08 21.21
N LEU A 122 -4.47 30.36 22.50
CA LEU A 122 -3.59 29.52 23.31
C LEU A 122 -4.23 28.16 23.58
N ASN A 123 -5.55 28.11 23.74
CA ASN A 123 -6.22 26.84 23.92
C ASN A 123 -6.16 25.99 22.66
N ASP A 124 -6.26 26.63 21.49
CA ASP A 124 -6.15 25.90 20.23
C ASP A 124 -4.76 25.29 20.05
N PHE A 125 -3.72 26.06 20.35
CA PHE A 125 -2.36 25.55 20.23
C PHE A 125 -2.12 24.38 21.16
N LYS A 126 -2.79 24.36 22.31
CA LYS A 126 -2.58 23.29 23.28
C LYS A 126 -3.20 21.98 22.81
N SER A 127 -4.34 22.03 22.12
CA SER A 127 -4.99 20.81 21.68
C SER A 127 -4.23 20.18 20.51
N ILE A 128 -3.65 21.01 19.64
CA ILE A 128 -2.85 20.50 18.54
C ILE A 128 -1.54 19.92 19.05
N TRP A 129 -0.90 20.60 20.00
CA TRP A 129 0.39 20.14 20.51
C TRP A 129 0.26 18.84 21.27
N ASN A 130 -0.89 18.59 21.91
CA ASN A 130 -1.11 17.43 22.75
C ASN A 130 -2.06 16.43 22.11
N ASN A 131 -1.99 16.27 20.79
CA ASN A 131 -2.81 15.30 20.08
C ASN A 131 -2.09 13.97 19.97
N ARG A 132 -2.87 12.89 19.92
CA ARG A 132 -2.28 11.55 19.90
C ARG A 132 -1.61 11.23 18.58
N TRP A 133 -2.14 11.75 17.46
CA TRP A 133 -1.62 11.43 16.15
C TRP A 133 -0.55 12.40 15.67
N LEU A 134 -0.19 13.39 16.49
CA LEU A 134 0.72 14.44 16.09
C LEU A 134 1.90 14.53 17.06
N ARG A 135 2.33 13.40 17.61
CA ARG A 135 3.38 13.36 18.61
C ARG A 135 4.78 13.34 18.01
N THR A 136 4.91 13.35 16.69
CA THR A 136 6.20 13.42 16.03
C THR A 136 6.29 14.58 15.05
N ILE A 137 5.31 15.47 15.04
CA ILE A 137 5.19 16.54 14.05
C ILE A 137 5.60 17.85 14.71
N SER A 138 6.60 18.52 14.12
CA SER A 138 7.04 19.82 14.58
C SER A 138 6.14 20.92 14.05
N VAL A 139 6.16 22.06 14.73
CA VAL A 139 5.28 23.19 14.42
C VAL A 139 6.12 24.43 14.16
N ILE A 140 5.86 25.09 13.04
CA ILE A 140 6.44 26.39 12.73
C ILE A 140 5.37 27.43 13.02
N LEU A 141 5.60 28.26 14.04
CA LEU A 141 4.60 29.18 14.57
C LEU A 141 4.90 30.59 14.08
N PHE A 142 3.89 31.23 13.49
CA PHE A 142 4.01 32.58 12.97
C PHE A 142 3.13 33.52 13.80
N LEU A 143 3.77 34.50 14.44
CA LEU A 143 3.05 35.56 15.14
C LEU A 143 2.95 36.74 14.18
N ASN A 144 1.76 36.96 13.66
CA ASN A 144 1.54 37.87 12.54
C ASN A 144 1.11 39.26 13.01
N LYS A 145 1.23 40.22 12.11
CA LYS A 145 0.77 41.60 12.32
C LYS A 145 1.44 42.25 13.53
N GLN A 146 2.76 42.41 13.42
CA GLN A 146 3.49 43.11 14.46
C GLN A 146 3.54 44.62 14.24
N ASP A 147 3.05 45.10 13.10
CA ASP A 147 2.92 46.55 12.90
C ASP A 147 1.73 47.13 13.65
N LEU A 148 0.65 46.36 13.80
CA LEU A 148 -0.49 46.81 14.58
C LEU A 148 -0.25 46.72 16.07
N LEU A 149 0.53 45.73 16.53
CA LEU A 149 0.83 45.62 17.95
C LEU A 149 1.60 46.84 18.44
N ALA A 150 2.53 47.35 17.63
CA ALA A 150 3.32 48.51 18.03
C ALA A 150 2.44 49.74 18.21
N GLU A 151 1.48 49.94 17.30
CA GLU A 151 0.60 51.10 17.41
C GLU A 151 -0.23 51.06 18.69
N LYS A 152 -0.78 49.88 19.01
CA LYS A 152 -1.63 49.78 20.20
C LYS A 152 -0.83 50.01 21.48
N VAL A 153 0.43 49.55 21.52
CA VAL A 153 1.24 49.75 22.71
C VAL A 153 1.63 51.22 22.85
N LEU A 154 2.05 51.86 21.75
CA LEU A 154 2.49 53.25 21.81
C LEU A 154 1.34 54.20 22.14
N ALA A 155 0.17 53.96 21.55
CA ALA A 155 -0.96 54.85 21.79
C ALA A 155 -1.39 54.84 23.26
N GLY A 156 -1.43 53.66 23.86
CA GLY A 156 -1.69 53.55 25.28
C GLY A 156 -3.14 53.47 25.68
N LYS A 157 -4.07 53.40 24.74
CA LYS A 157 -5.49 53.30 25.09
C LYS A 157 -5.79 51.95 25.74
N SER A 158 -5.32 50.87 25.14
CA SER A 158 -5.54 49.51 25.66
C SER A 158 -4.30 49.04 26.39
N LYS A 159 -4.52 48.29 27.48
CA LYS A 159 -3.44 47.80 28.32
C LYS A 159 -3.46 46.27 28.31
N ILE A 160 -2.29 45.66 28.08
CA ILE A 160 -2.18 44.22 28.08
C ILE A 160 -2.46 43.66 29.47
N GLU A 161 -2.11 44.41 30.52
CA GLU A 161 -2.24 43.93 31.88
C GLU A 161 -3.69 43.65 32.26
N ASP A 162 -4.66 44.25 31.56
CA ASP A 162 -6.06 44.01 31.89
C ASP A 162 -6.44 42.56 31.64
N TYR A 163 -5.97 41.99 30.54
CA TYR A 163 -6.34 40.62 30.18
C TYR A 163 -5.42 39.58 30.80
N PHE A 164 -4.12 39.87 30.88
CA PHE A 164 -3.15 38.96 31.48
C PHE A 164 -2.51 39.64 32.69
N PRO A 165 -3.02 39.38 33.91
CA PRO A 165 -2.57 40.16 35.07
C PRO A 165 -1.08 40.04 35.37
N GLU A 166 -0.46 38.91 35.07
CA GLU A 166 0.94 38.69 35.44
C GLU A 166 1.91 39.50 34.58
N PHE A 167 1.41 40.42 33.75
CA PHE A 167 2.28 41.24 32.94
C PHE A 167 3.03 42.29 33.76
N ALA A 168 2.49 42.65 34.93
CA ALA A 168 3.14 43.68 35.76
C ALA A 168 4.51 43.22 36.25
N ARG A 169 4.63 41.96 36.64
CA ARG A 169 5.89 41.45 37.18
C ARG A 169 6.88 41.03 36.09
N TYR A 170 6.44 40.90 34.85
CA TYR A 170 7.37 40.50 33.78
C TYR A 170 8.35 41.61 33.47
N THR A 171 9.57 41.21 33.11
CA THR A 171 10.58 42.14 32.62
C THR A 171 11.43 41.42 31.58
N THR A 172 12.02 42.22 30.69
CA THR A 172 12.80 41.64 29.60
C THR A 172 14.02 40.92 30.14
N PRO A 173 14.28 39.69 29.73
CA PRO A 173 15.48 38.98 30.20
C PRO A 173 16.76 39.64 29.70
N GLU A 174 17.88 39.13 30.20
CA GLU A 174 19.19 39.70 29.92
C GLU A 174 19.71 39.36 28.53
N ASP A 175 18.97 38.60 27.73
CA ASP A 175 19.37 38.22 26.38
C ASP A 175 18.63 39.01 25.31
N ALA A 176 18.46 40.32 25.52
CA ALA A 176 17.60 41.13 24.66
C ALA A 176 18.25 41.30 23.29
N THR A 177 17.93 40.40 22.37
CA THR A 177 18.30 40.43 20.97
C THR A 177 17.67 41.63 20.26
N PRO A 178 16.59 42.22 20.83
CA PRO A 178 15.70 43.12 20.09
C PRO A 178 16.37 44.09 19.11
N GLU A 179 15.69 44.31 17.98
CA GLU A 179 16.22 45.03 16.82
C GLU A 179 16.61 46.47 17.17
N PRO A 180 17.30 47.17 16.25
CA PRO A 180 17.84 48.49 16.58
C PRO A 180 16.77 49.53 16.89
N GLY A 181 15.84 49.74 15.97
CA GLY A 181 14.89 50.83 16.11
C GLY A 181 13.55 50.50 16.73
N GLU A 182 13.55 49.90 17.92
CA GLU A 182 12.33 49.61 18.66
C GLU A 182 12.34 50.30 20.00
N ASP A 183 11.17 50.78 20.43
CA ASP A 183 11.03 51.27 21.78
C ASP A 183 11.06 50.10 22.76
N PRO A 184 11.75 50.24 23.89
CA PRO A 184 11.80 49.12 24.86
C PRO A 184 10.44 48.70 25.37
N ARG A 185 9.43 49.56 25.27
CA ARG A 185 8.08 49.22 25.69
C ARG A 185 7.38 48.32 24.67
N VAL A 186 7.88 48.28 23.44
CA VAL A 186 7.34 47.36 22.44
C VAL A 186 8.03 45.99 22.50
N THR A 187 9.32 45.96 22.83
CA THR A 187 10.01 44.68 23.01
C THR A 187 9.41 43.90 24.17
N ARG A 188 9.08 44.57 25.27
CA ARG A 188 8.47 43.90 26.41
C ARG A 188 7.15 43.24 26.03
N ALA A 189 6.33 43.95 25.25
CA ALA A 189 5.04 43.40 24.84
C ALA A 189 5.20 42.14 23.99
N LYS A 190 6.19 42.14 23.09
CA LYS A 190 6.30 41.03 22.14
C LYS A 190 7.08 39.85 22.70
N TYR A 191 7.95 40.07 23.69
CA TYR A 191 8.65 38.94 24.30
C TYR A 191 7.80 38.25 25.37
N PHE A 192 6.75 38.91 25.85
CA PHE A 192 5.81 38.28 26.76
C PHE A 192 4.90 37.29 26.05
N ILE A 193 4.41 37.67 24.86
CA ILE A 193 3.49 36.83 24.12
C ILE A 193 4.17 35.54 23.66
N ARG A 194 5.44 35.64 23.26
CA ARG A 194 6.15 34.47 22.77
C ARG A 194 6.43 33.47 23.88
N LYS A 195 6.64 33.95 25.11
CA LYS A 195 6.85 33.02 26.23
C LYS A 195 5.57 32.26 26.54
N GLU A 196 4.40 32.86 26.32
CA GLU A 196 3.15 32.18 26.57
C GLU A 196 2.91 31.00 25.63
N PHE A 197 3.62 30.93 24.52
CA PHE A 197 3.51 29.83 23.59
C PHE A 197 4.60 28.79 23.74
N VAL A 198 5.81 29.21 24.14
CA VAL A 198 6.90 28.28 24.32
C VAL A 198 6.78 27.53 25.65
N ASP A 199 6.06 28.11 26.61
CA ASP A 199 5.86 27.42 27.89
C ASP A 199 5.02 26.16 27.72
N ILE A 200 4.01 26.21 26.84
CA ILE A 200 3.25 25.00 26.53
C ILE A 200 4.13 24.01 25.79
N SER A 201 4.98 24.50 24.88
CA SER A 201 5.80 23.63 24.06
C SER A 201 6.77 22.81 24.91
N THR A 202 7.38 23.44 25.92
CA THR A 202 8.34 22.77 26.78
C THR A 202 7.70 22.14 28.01
N ALA A 203 6.38 22.21 28.13
CA ALA A 203 5.71 21.67 29.30
C ALA A 203 5.76 20.15 29.31
N SER A 204 5.14 19.51 28.32
CA SER A 204 5.14 18.04 28.21
C SER A 204 5.28 17.68 26.73
N GLY A 205 6.52 17.51 26.28
CA GLY A 205 6.79 17.11 24.92
C GLY A 205 7.71 15.92 24.84
N ASP A 206 8.43 15.66 25.94
CA ASP A 206 9.42 14.59 26.07
C ASP A 206 10.60 14.76 25.13
N GLY A 207 10.71 15.90 24.44
CA GLY A 207 11.84 16.15 23.58
C GLY A 207 11.79 15.53 22.21
N ARG A 208 10.64 15.01 21.79
CA ARG A 208 10.53 14.32 20.51
C ARG A 208 10.10 15.24 19.36
N HIS A 209 9.79 16.50 19.63
CA HIS A 209 9.41 17.46 18.60
C HIS A 209 9.34 18.85 19.23
N ILE A 210 9.76 19.87 18.47
CA ILE A 210 9.94 21.20 19.01
C ILE A 210 9.12 22.21 18.21
N CYS A 211 9.22 23.48 18.62
CA CYS A 211 8.45 24.59 18.07
C CYS A 211 9.38 25.72 17.67
N TYR A 212 9.14 26.31 16.50
CA TYR A 212 9.98 27.39 15.98
C TYR A 212 9.16 28.67 15.84
N PRO A 213 9.40 29.71 16.64
CA PRO A 213 8.63 30.94 16.53
C PRO A 213 9.29 31.99 15.64
N HIS A 214 8.43 32.87 15.10
CA HIS A 214 8.86 33.96 14.22
C HIS A 214 7.88 35.12 14.33
N PHE A 215 8.35 36.30 13.95
CA PHE A 215 7.55 37.52 13.94
C PHE A 215 7.44 38.05 12.52
N THR A 216 6.22 38.31 12.06
CA THR A 216 5.94 38.68 10.68
C THR A 216 5.05 39.92 10.64
N CYS A 217 5.00 40.56 9.46
CA CYS A 217 4.31 41.85 9.35
C CYS A 217 3.47 41.97 8.08
N ALA A 218 3.06 40.85 7.47
CA ALA A 218 2.07 40.85 6.39
C ALA A 218 2.51 41.63 5.15
N VAL A 219 3.74 42.14 5.15
CA VAL A 219 4.30 42.79 3.97
C VAL A 219 5.70 42.21 3.75
N ASP A 220 6.16 41.41 4.70
CA ASP A 220 7.48 40.80 4.59
C ASP A 220 7.52 39.79 3.46
N THR A 221 8.65 39.76 2.75
CA THR A 221 8.85 38.84 1.65
C THR A 221 9.69 37.62 2.04
N GLU A 222 10.32 37.63 3.21
CA GLU A 222 11.18 36.54 3.64
C GLU A 222 10.45 35.59 4.60
N ASN A 223 9.47 34.86 4.08
CA ASN A 223 8.86 33.77 4.83
C ASN A 223 9.09 32.41 4.19
N ALA A 224 9.17 32.34 2.86
CA ALA A 224 9.48 31.07 2.22
C ALA A 224 10.91 30.62 2.53
N ARG A 225 11.83 31.57 2.71
CA ARG A 225 13.19 31.22 3.11
C ARG A 225 13.23 30.72 4.55
N ARG A 226 12.35 31.22 5.41
CA ARG A 226 12.33 30.79 6.80
C ARG A 226 11.72 29.41 6.98
N ILE A 227 10.76 29.03 6.13
CA ILE A 227 10.26 27.66 6.12
C ILE A 227 11.33 26.70 5.63
N PHE A 228 12.12 27.13 4.64
CA PHE A 228 13.17 26.29 4.09
C PHE A 228 14.24 25.97 5.15
N ASN A 229 14.61 26.97 5.95
CA ASN A 229 15.66 26.76 6.94
C ASN A 229 15.19 25.87 8.08
N ASP A 230 13.95 26.03 8.52
CA ASP A 230 13.43 25.19 9.61
C ASP A 230 13.27 23.74 9.17
N CYS A 231 12.83 23.52 7.94
CA CYS A 231 12.67 22.15 7.45
C CYS A 231 14.00 21.43 7.29
N LYS A 232 15.11 22.16 7.17
CA LYS A 232 16.41 21.52 7.09
C LYS A 232 16.87 21.02 8.46
N ASP A 233 16.45 21.68 9.54
CA ASP A 233 16.75 21.20 10.88
C ASP A 233 15.85 20.04 11.29
N ILE A 234 14.59 20.04 10.84
CA ILE A 234 13.69 18.95 11.16
C ILE A 234 14.19 17.64 10.57
N ILE A 235 14.63 17.68 9.31
CA ILE A 235 15.14 16.47 8.65
C ILE A 235 16.43 16.00 9.30
N LEU A 236 17.26 16.93 9.78
CA LEU A 236 18.50 16.54 10.44
C LEU A 236 18.24 15.72 11.70
N GLN A 237 17.20 16.07 12.45
CA GLN A 237 16.89 15.31 13.66
C GLN A 237 16.39 13.91 13.32
N MET A 238 15.60 13.79 12.25
CA MET A 238 15.17 12.47 11.79
C MET A 238 16.37 11.64 11.35
N ASN A 239 17.32 12.26 10.66
CA ASN A 239 18.48 11.54 10.16
C ASN A 239 19.31 10.97 11.30
N LEU A 240 19.69 11.80 12.26
CA LEU A 240 20.51 11.33 13.37
C LEU A 240 19.71 10.66 14.46
N ARG A 241 18.44 10.39 14.22
CA ARG A 241 17.67 9.48 15.06
C ARG A 241 17.48 8.13 14.40
N GLU A 242 17.33 8.10 13.07
CA GLU A 242 17.25 6.84 12.35
C GLU A 242 18.56 6.07 12.44
N TYR A 243 19.68 6.76 12.27
CA TYR A 243 20.98 6.10 12.43
C TYR A 243 21.52 6.25 13.84
N ASN A 244 20.68 6.06 14.85
CA ASN A 244 21.07 5.74 16.22
C ASN A 244 22.12 6.66 16.85
N LEU A 245 22.41 7.82 16.26
CA LEU A 245 23.32 8.73 16.95
C LEU A 245 22.71 9.32 18.22
N VAL A 246 21.40 9.14 18.43
CA VAL A 246 20.73 9.58 19.64
C VAL A 246 19.80 8.48 20.13
N GLU B 21 -45.59 26.76 24.20
CA GLU B 21 -44.41 27.36 24.80
C GLU B 21 -43.19 26.44 24.69
N LEU B 22 -42.00 27.03 24.79
CA LEU B 22 -40.78 26.24 24.69
C LEU B 22 -40.65 25.26 25.86
N ASP B 23 -41.01 25.70 27.06
CA ASP B 23 -40.87 24.84 28.23
C ASP B 23 -41.78 23.62 28.14
N GLN B 24 -43.00 23.80 27.63
CA GLN B 24 -43.94 22.69 27.53
C GLN B 24 -43.41 21.60 26.59
N LEU B 25 -42.79 22.00 25.47
CA LEU B 25 -42.24 21.03 24.55
C LEU B 25 -41.11 20.23 25.20
N ARG B 26 -40.28 20.90 26.00
CA ARG B 26 -39.17 20.22 26.65
C ARG B 26 -39.67 19.18 27.65
N GLN B 27 -40.74 19.49 28.38
CA GLN B 27 -41.26 18.55 29.37
C GLN B 27 -41.77 17.27 28.72
N GLU B 28 -42.39 17.39 27.54
CA GLU B 28 -42.88 16.20 26.84
C GLU B 28 -41.76 15.25 26.48
N ALA B 29 -40.56 15.78 26.24
CA ALA B 29 -39.42 14.91 25.97
C ALA B 29 -39.09 14.03 27.17
N GLU B 30 -39.08 14.61 28.37
CA GLU B 30 -38.82 13.82 29.57
C GLU B 30 -39.90 12.79 29.79
N GLN B 31 -41.16 13.14 29.54
CA GLN B 31 -42.24 12.18 29.66
C GLN B 31 -42.10 11.04 28.66
N LEU B 32 -41.68 11.36 27.43
CA LEU B 32 -41.57 10.33 26.40
C LEU B 32 -40.22 9.60 26.42
N LYS B 33 -39.18 10.22 26.98
CA LYS B 33 -37.90 9.53 27.08
C LYS B 33 -37.91 8.50 28.21
N ASN B 34 -38.58 8.82 29.32
CA ASN B 34 -38.66 7.86 30.43
C ASN B 34 -39.63 6.73 30.12
N GLN B 35 -40.66 6.99 29.30
CA GLN B 35 -41.62 5.96 28.96
C GLN B 35 -40.98 4.87 28.10
N ILE B 36 -39.99 5.22 27.28
CA ILE B 36 -39.31 4.22 26.46
C ILE B 36 -38.44 3.30 27.32
N ARG B 37 -37.76 3.88 28.31
CA ARG B 37 -36.95 3.05 29.22
C ARG B 37 -37.82 2.05 29.97
N ASP B 38 -39.04 2.46 30.32
CA ASP B 38 -39.97 1.53 30.95
C ASP B 38 -40.34 0.39 30.02
N ALA B 39 -40.56 0.69 28.74
CA ALA B 39 -40.92 -0.34 27.77
C ALA B 39 -39.75 -1.24 27.39
N ARG B 40 -38.52 -0.89 27.80
CA ARG B 40 -37.36 -1.74 27.54
C ARG B 40 -37.10 -2.72 28.67
N LYS B 41 -37.33 -2.30 29.92
CA LYS B 41 -37.13 -3.21 31.05
C LYS B 41 -38.24 -4.24 31.15
N ALA B 42 -39.43 -3.92 30.67
CA ALA B 42 -40.52 -4.88 30.68
C ALA B 42 -40.23 -6.08 29.78
N CYS B 43 -39.60 -5.83 28.63
CA CYS B 43 -39.29 -6.89 27.69
C CYS B 43 -38.02 -7.65 28.06
N ALA B 44 -37.28 -7.21 29.08
CA ALA B 44 -36.02 -7.84 29.47
C ALA B 44 -36.29 -8.80 30.62
N ASP B 45 -36.41 -10.09 30.30
CA ASP B 45 -36.62 -11.13 31.29
C ASP B 45 -35.38 -11.98 31.53
N ALA B 46 -34.81 -12.55 30.47
CA ALA B 46 -33.58 -13.32 30.56
C ALA B 46 -32.51 -12.67 29.69
N THR B 47 -31.28 -13.17 29.83
CA THR B 47 -30.14 -12.64 29.10
C THR B 47 -29.65 -13.66 28.07
N LEU B 48 -28.93 -13.16 27.08
CA LEU B 48 -28.38 -14.05 26.05
C LEU B 48 -27.32 -14.97 26.63
N SER B 49 -26.56 -14.50 27.63
CA SER B 49 -25.53 -15.34 28.23
C SER B 49 -26.15 -16.51 28.99
N GLN B 50 -27.24 -16.27 29.70
CA GLN B 50 -27.94 -17.32 30.44
C GLN B 50 -28.52 -18.39 29.52
N ILE B 51 -29.12 -18.00 28.40
CA ILE B 51 -29.73 -18.96 27.50
C ILE B 51 -28.67 -19.81 26.81
N THR B 52 -27.56 -19.20 26.42
CA THR B 52 -26.52 -19.87 25.63
C THR B 52 -25.50 -20.60 26.48
N ASN B 53 -25.77 -20.77 27.78
CA ASN B 53 -24.78 -21.37 28.67
C ASN B 53 -24.50 -22.82 28.30
N ASN B 54 -25.54 -23.57 27.93
CA ASN B 54 -25.39 -24.99 27.62
C ASN B 54 -25.12 -25.22 26.14
N ILE B 55 -24.10 -24.53 25.62
CA ILE B 55 -23.59 -24.75 24.27
C ILE B 55 -22.10 -25.01 24.38
N ASP B 56 -21.60 -25.92 23.55
CA ASP B 56 -20.18 -26.21 23.57
C ASP B 56 -19.40 -24.99 23.07
N PRO B 57 -18.26 -24.68 23.66
CA PRO B 57 -17.42 -23.59 23.15
C PRO B 57 -16.90 -23.91 21.75
N VAL B 58 -16.57 -22.85 21.02
CA VAL B 58 -16.17 -22.99 19.62
C VAL B 58 -14.90 -23.81 19.51
N GLY B 59 -13.91 -23.50 20.33
CA GLY B 59 -12.63 -24.15 20.24
C GLY B 59 -11.49 -23.16 20.26
N ARG B 60 -10.42 -23.45 19.52
CA ARG B 60 -9.30 -22.54 19.36
C ARG B 60 -9.11 -22.31 17.87
N ILE B 61 -9.36 -21.08 17.43
CA ILE B 61 -9.29 -20.74 16.02
C ILE B 61 -7.86 -20.37 15.68
N GLN B 62 -7.27 -21.09 14.73
CA GLN B 62 -5.92 -20.82 14.27
C GLN B 62 -5.96 -20.60 12.76
N MET B 63 -5.73 -19.37 12.33
CA MET B 63 -5.66 -19.02 10.91
C MET B 63 -4.25 -18.57 10.57
N ARG B 64 -3.89 -18.71 9.31
CA ARG B 64 -2.55 -18.37 8.84
C ARG B 64 -2.63 -17.56 7.57
N THR B 65 -1.63 -16.72 7.37
CA THR B 65 -1.58 -15.88 6.17
C THR B 65 -1.25 -16.72 4.93
N ARG B 66 -2.02 -16.51 3.87
CA ARG B 66 -1.84 -17.25 2.62
C ARG B 66 -1.29 -16.40 1.49
N ARG B 67 -1.65 -15.12 1.43
CA ARG B 67 -1.13 -14.22 0.42
C ARG B 67 -0.75 -12.90 1.06
N THR B 68 0.21 -12.22 0.45
CA THR B 68 0.55 -10.85 0.82
C THR B 68 0.56 -10.02 -0.44
N LEU B 69 -0.20 -8.93 -0.43
CA LEU B 69 -0.43 -8.08 -1.59
C LEU B 69 0.35 -6.79 -1.41
N ARG B 70 1.35 -6.57 -2.24
CA ARG B 70 2.25 -5.45 -2.10
C ARG B 70 2.30 -4.65 -3.40
N GLY B 71 2.57 -3.36 -3.26
CA GLY B 71 2.58 -2.44 -4.37
C GLY B 71 2.11 -1.05 -4.05
N HIS B 72 1.35 -0.88 -2.97
CA HIS B 72 1.02 0.46 -2.50
C HIS B 72 2.23 1.09 -1.82
N LEU B 73 2.28 2.41 -1.82
CA LEU B 73 3.44 3.15 -1.32
C LEU B 73 3.08 4.09 -0.17
N ALA B 74 1.92 3.90 0.45
CA ALA B 74 1.48 4.78 1.54
C ALA B 74 0.39 4.04 2.31
N LYS B 75 -0.22 4.75 3.26
CA LYS B 75 -1.22 4.14 4.14
C LYS B 75 -2.45 3.69 3.35
N ILE B 76 -2.99 2.54 3.73
CA ILE B 76 -4.19 1.98 3.11
C ILE B 76 -5.39 2.31 3.99
N TYR B 77 -6.43 2.87 3.39
CA TYR B 77 -7.61 3.31 4.13
C TYR B 77 -8.84 2.42 3.97
N ALA B 78 -9.08 1.82 2.81
CA ALA B 78 -10.31 1.06 2.63
C ALA B 78 -10.11 -0.06 1.62
N MET B 79 -10.99 -1.06 1.70
CA MET B 79 -11.08 -2.14 0.74
C MET B 79 -12.49 -2.69 0.69
N HIS B 80 -12.81 -3.39 -0.40
CA HIS B 80 -14.11 -4.03 -0.55
C HIS B 80 -13.98 -5.23 -1.49
N TRP B 81 -14.76 -6.28 -1.21
CA TRP B 81 -14.70 -7.52 -1.99
C TRP B 81 -15.69 -7.49 -3.16
N GLY B 82 -15.29 -8.09 -4.27
CA GLY B 82 -16.23 -8.35 -5.33
C GLY B 82 -17.18 -9.49 -5.00
N THR B 83 -18.30 -9.52 -5.71
CA THR B 83 -19.36 -10.47 -5.38
C THR B 83 -19.05 -11.89 -5.84
N ASP B 84 -18.01 -12.07 -6.65
CA ASP B 84 -17.59 -13.39 -7.07
C ASP B 84 -16.52 -13.99 -6.16
N SER B 85 -16.12 -13.27 -5.11
CA SER B 85 -15.15 -13.75 -4.12
C SER B 85 -13.78 -14.04 -4.72
N ARG B 86 -13.40 -13.30 -5.76
CA ARG B 86 -12.07 -13.46 -6.34
C ARG B 86 -11.38 -12.11 -6.56
N LEU B 87 -12.16 -11.05 -6.72
CA LEU B 87 -11.64 -9.73 -7.04
C LEU B 87 -11.92 -8.77 -5.90
N LEU B 88 -11.06 -7.77 -5.73
CA LEU B 88 -11.23 -6.79 -4.68
C LEU B 88 -10.52 -5.49 -5.07
N VAL B 89 -10.92 -4.40 -4.39
CA VAL B 89 -10.42 -3.06 -4.67
C VAL B 89 -9.90 -2.44 -3.38
N SER B 90 -8.86 -1.60 -3.51
CA SER B 90 -8.18 -0.99 -2.38
C SER B 90 -7.80 0.44 -2.70
N ALA B 91 -7.89 1.31 -1.69
CA ALA B 91 -7.52 2.72 -1.84
C ALA B 91 -6.43 3.10 -0.85
N SER B 92 -5.51 3.94 -1.30
CA SER B 92 -4.38 4.36 -0.50
C SER B 92 -4.12 5.85 -0.72
N GLN B 93 -3.33 6.44 0.17
CA GLN B 93 -3.05 7.86 0.16
C GLN B 93 -2.02 8.28 -0.88
N ASP B 94 -1.68 7.41 -1.83
CA ASP B 94 -0.81 7.78 -2.93
C ASP B 94 -1.59 8.16 -4.18
N GLY B 95 -2.91 8.29 -4.06
CA GLY B 95 -3.76 8.62 -5.19
C GLY B 95 -3.95 7.49 -6.18
N LYS B 96 -4.06 6.26 -5.70
CA LYS B 96 -4.25 5.11 -6.58
C LYS B 96 -5.36 4.22 -6.05
N LEU B 97 -6.21 3.75 -6.97
CA LEU B 97 -7.07 2.61 -6.75
C LEU B 97 -6.48 1.42 -7.49
N ILE B 98 -6.53 0.25 -6.87
CA ILE B 98 -5.96 -0.96 -7.45
C ILE B 98 -6.97 -2.08 -7.35
N ILE B 99 -7.11 -2.85 -8.43
CA ILE B 99 -7.98 -4.03 -8.47
C ILE B 99 -7.09 -5.25 -8.53
N TRP B 100 -7.36 -6.23 -7.67
CA TRP B 100 -6.50 -7.39 -7.48
C TRP B 100 -7.22 -8.68 -7.85
N ASP B 101 -6.44 -9.65 -8.33
CA ASP B 101 -6.88 -11.03 -8.45
C ASP B 101 -6.29 -11.80 -7.27
N SER B 102 -7.16 -12.32 -6.41
CA SER B 102 -6.70 -12.87 -5.13
C SER B 102 -6.03 -14.22 -5.30
N TYR B 103 -6.42 -15.01 -6.30
CA TYR B 103 -5.89 -16.36 -6.43
C TYR B 103 -4.45 -16.35 -6.95
N THR B 104 -4.11 -15.39 -7.81
CA THR B 104 -2.79 -15.34 -8.43
C THR B 104 -1.96 -14.13 -8.01
N THR B 105 -2.54 -13.20 -7.26
CA THR B 105 -1.91 -11.93 -6.86
C THR B 105 -1.55 -11.05 -8.05
N ASN B 106 -2.24 -11.22 -9.18
CA ASN B 106 -2.03 -10.35 -10.32
C ASN B 106 -2.85 -9.07 -10.19
N LYS B 107 -2.32 -7.99 -10.75
CA LYS B 107 -3.01 -6.71 -10.79
C LYS B 107 -3.74 -6.57 -12.11
N VAL B 108 -5.01 -6.19 -12.05
CA VAL B 108 -5.84 -6.07 -13.23
C VAL B 108 -5.87 -4.64 -13.76
N HIS B 109 -6.15 -3.66 -12.90
CA HIS B 109 -6.19 -2.26 -13.27
C HIS B 109 -5.49 -1.43 -12.20
N ALA B 110 -5.11 -0.21 -12.58
CA ALA B 110 -4.58 0.78 -11.63
C ALA B 110 -5.13 2.14 -12.03
N ILE B 111 -6.02 2.68 -11.22
CA ILE B 111 -6.78 3.90 -11.54
C ILE B 111 -6.13 5.07 -10.84
N PRO B 112 -5.71 6.12 -11.56
CA PRO B 112 -5.19 7.32 -10.91
C PRO B 112 -6.29 8.31 -10.53
N LEU B 113 -6.09 8.99 -9.41
CA LEU B 113 -7.10 9.84 -8.81
C LEU B 113 -6.68 11.30 -8.84
N ARG B 114 -7.68 12.18 -8.92
CA ARG B 114 -7.41 13.62 -8.95
C ARG B 114 -7.03 14.14 -7.57
N SER B 115 -7.73 13.70 -6.53
CA SER B 115 -7.43 14.07 -5.16
C SER B 115 -6.87 12.86 -4.42
N SER B 116 -5.78 13.05 -3.70
CA SER B 116 -5.10 11.96 -3.02
C SER B 116 -5.62 11.69 -1.62
N TRP B 117 -6.59 12.45 -1.14
CA TRP B 117 -7.10 12.30 0.23
C TRP B 117 -8.40 11.50 0.19
N VAL B 118 -8.27 10.20 0.01
CA VAL B 118 -9.41 9.31 -0.11
C VAL B 118 -9.66 8.61 1.22
N MET B 119 -10.91 8.19 1.43
CA MET B 119 -11.29 7.57 2.69
C MET B 119 -12.23 6.37 2.54
N THR B 120 -12.68 6.02 1.33
CA THR B 120 -13.67 4.97 1.20
C THR B 120 -13.62 4.34 -0.18
N CYS B 121 -14.17 3.13 -0.28
CA CYS B 121 -14.28 2.36 -1.51
C CYS B 121 -15.64 1.68 -1.58
N ALA B 122 -16.02 1.28 -2.79
CA ALA B 122 -17.23 0.49 -3.00
C ALA B 122 -17.13 -0.19 -4.36
N TYR B 123 -17.59 -1.44 -4.41
CA TYR B 123 -17.58 -2.24 -5.63
C TYR B 123 -19.01 -2.62 -5.95
N ALA B 124 -19.39 -2.48 -7.23
CA ALA B 124 -20.78 -2.72 -7.59
C ALA B 124 -21.09 -4.22 -7.64
N PRO B 125 -22.32 -4.61 -7.31
CA PRO B 125 -22.66 -6.04 -7.32
C PRO B 125 -22.53 -6.71 -8.68
N SER B 126 -22.81 -5.99 -9.77
CA SER B 126 -22.65 -6.57 -11.09
C SER B 126 -21.18 -6.67 -11.48
N GLY B 127 -20.38 -5.69 -11.09
CA GLY B 127 -18.97 -5.67 -11.41
C GLY B 127 -18.56 -4.70 -12.47
N ASN B 128 -19.43 -3.77 -12.86
CA ASN B 128 -19.13 -2.82 -13.92
C ASN B 128 -18.61 -1.48 -13.41
N TYR B 129 -18.76 -1.17 -12.13
CA TYR B 129 -18.38 0.14 -11.61
C TYR B 129 -17.71 0.01 -10.25
N VAL B 130 -16.85 0.98 -9.93
CA VAL B 130 -16.31 1.17 -8.59
C VAL B 130 -16.43 2.65 -8.23
N ALA B 131 -16.45 2.93 -6.93
CA ALA B 131 -16.63 4.29 -6.44
C ALA B 131 -15.65 4.61 -5.33
N CYS B 132 -15.31 5.88 -5.20
CA CYS B 132 -14.40 6.35 -4.17
C CYS B 132 -14.72 7.80 -3.83
N GLY B 133 -14.24 8.24 -2.67
CA GLY B 133 -14.45 9.60 -2.23
C GLY B 133 -13.57 9.90 -1.04
N GLY B 134 -13.63 11.14 -0.59
CA GLY B 134 -12.77 11.56 0.50
C GLY B 134 -12.97 12.98 0.98
N LEU B 135 -11.86 13.67 1.18
CA LEU B 135 -11.85 14.98 1.84
C LEU B 135 -12.06 16.13 0.86
N ASP B 136 -12.44 15.80 -0.38
CA ASP B 136 -12.83 16.77 -1.41
C ASP B 136 -14.34 16.96 -1.51
N ASN B 137 -15.13 16.16 -0.78
CA ASN B 137 -16.59 16.26 -0.71
C ASN B 137 -17.28 15.86 -2.02
N ILE B 138 -16.70 14.95 -2.78
CA ILE B 138 -17.28 14.50 -4.05
C ILE B 138 -17.15 12.98 -4.14
N CYS B 139 -18.19 12.33 -4.66
CA CYS B 139 -18.22 10.89 -4.89
C CYS B 139 -18.10 10.62 -6.38
N SER B 140 -17.04 9.92 -6.78
CA SER B 140 -16.75 9.65 -8.19
C SER B 140 -17.09 8.21 -8.55
N ILE B 141 -17.59 8.01 -9.77
CA ILE B 141 -17.95 6.70 -10.29
C ILE B 141 -17.10 6.41 -11.52
N TYR B 142 -16.55 5.20 -11.59
CA TYR B 142 -15.64 4.81 -12.66
C TYR B 142 -16.21 3.65 -13.46
N ASN B 143 -16.11 3.75 -14.78
CA ASN B 143 -16.58 2.72 -15.70
C ASN B 143 -15.42 1.77 -16.01
N LEU B 144 -15.62 0.48 -15.74
CA LEU B 144 -14.57 -0.52 -15.91
C LEU B 144 -14.64 -1.27 -17.23
N LYS B 145 -15.83 -1.42 -17.80
CA LYS B 145 -16.05 -2.26 -18.99
C LYS B 145 -16.53 -1.36 -20.11
N THR B 146 -15.57 -0.81 -20.86
CA THR B 146 -15.86 0.02 -22.02
C THR B 146 -14.96 -0.42 -23.16
N ARG B 147 -15.29 0.03 -24.36
CA ARG B 147 -14.35 -0.06 -25.47
C ARG B 147 -13.15 0.84 -25.18
N GLU B 148 -12.21 0.86 -26.12
CA GLU B 148 -10.95 1.59 -26.03
C GLU B 148 -10.17 1.30 -24.75
N GLY B 149 -10.54 0.25 -24.03
CA GLY B 149 -9.67 -0.38 -23.04
C GLY B 149 -9.15 0.52 -21.95
N ASN B 150 -9.98 1.44 -21.45
CA ASN B 150 -9.55 2.38 -20.43
C ASN B 150 -10.65 2.56 -19.40
N VAL B 151 -10.25 2.67 -18.14
CA VAL B 151 -11.14 3.07 -17.08
C VAL B 151 -11.23 4.58 -17.08
N ARG B 152 -12.44 5.12 -17.14
CA ARG B 152 -12.65 6.55 -17.19
C ARG B 152 -13.78 6.96 -16.26
N VAL B 153 -13.72 8.21 -15.82
CA VAL B 153 -14.74 8.75 -14.92
C VAL B 153 -16.06 8.88 -15.67
N SER B 154 -17.15 8.41 -15.06
CA SER B 154 -18.46 8.52 -15.66
C SER B 154 -19.39 9.50 -14.97
N ARG B 155 -19.13 9.85 -13.71
CA ARG B 155 -20.02 10.74 -12.98
C ARG B 155 -19.29 11.31 -11.78
N GLU B 156 -19.62 12.55 -11.44
CA GLU B 156 -19.18 13.20 -10.21
C GLU B 156 -20.39 13.73 -9.47
N LEU B 157 -20.56 13.34 -8.21
CA LEU B 157 -21.73 13.68 -7.42
C LEU B 157 -21.35 14.74 -6.39
N ALA B 158 -21.97 15.91 -6.49
CA ALA B 158 -21.69 17.03 -5.61
C ALA B 158 -22.95 17.43 -4.86
N GLY B 159 -22.76 18.02 -3.67
CA GLY B 159 -23.88 18.39 -2.83
C GLY B 159 -23.65 18.28 -1.33
N HIS B 160 -22.64 17.53 -0.92
CA HIS B 160 -22.26 17.50 0.48
C HIS B 160 -21.41 18.71 0.83
N THR B 161 -21.47 19.12 2.10
CA THR B 161 -20.66 20.23 2.59
C THR B 161 -19.56 19.78 3.53
N GLY B 162 -19.35 18.47 3.67
CA GLY B 162 -18.27 17.91 4.45
C GLY B 162 -17.73 16.68 3.76
N TYR B 163 -16.74 16.07 4.39
CA TYR B 163 -16.05 14.95 3.78
C TYR B 163 -16.92 13.70 3.76
N LEU B 164 -16.66 12.82 2.79
CA LEU B 164 -17.37 11.55 2.68
C LEU B 164 -16.64 10.46 3.45
N SER B 165 -17.40 9.70 4.24
CA SER B 165 -16.87 8.63 5.06
C SER B 165 -17.16 7.23 4.51
N CYS B 166 -18.35 7.01 3.96
CA CYS B 166 -18.73 5.69 3.48
C CYS B 166 -19.60 5.81 2.25
N CYS B 167 -19.63 4.76 1.44
CA CYS B 167 -20.52 4.67 0.29
C CYS B 167 -20.71 3.19 -0.05
N ARG B 168 -21.94 2.81 -0.35
CA ARG B 168 -22.28 1.43 -0.67
C ARG B 168 -23.29 1.41 -1.81
N PHE B 169 -22.96 0.68 -2.87
CA PHE B 169 -23.86 0.59 -4.02
C PHE B 169 -25.13 -0.16 -3.64
N LEU B 170 -26.27 0.37 -4.06
CA LEU B 170 -27.56 -0.23 -3.80
C LEU B 170 -28.06 -1.02 -4.99
N ASP B 171 -27.59 -0.67 -6.18
CA ASP B 171 -28.05 -1.16 -7.47
C ASP B 171 -27.10 -0.55 -8.47
N ASP B 172 -27.28 -0.87 -9.74
CA ASP B 172 -26.39 -0.30 -10.75
C ASP B 172 -26.67 1.18 -11.00
N ASN B 173 -27.75 1.73 -10.44
CA ASN B 173 -28.10 3.13 -10.65
C ASN B 173 -28.30 3.92 -9.35
N GLN B 174 -28.20 3.29 -8.19
CA GLN B 174 -28.40 3.96 -6.91
C GLN B 174 -27.20 3.74 -6.00
N ILE B 175 -26.89 4.76 -5.20
CA ILE B 175 -25.79 4.69 -4.24
C ILE B 175 -26.20 5.48 -2.99
N VAL B 176 -25.70 5.04 -1.84
CA VAL B 176 -25.98 5.66 -0.55
C VAL B 176 -24.67 6.16 0.04
N THR B 177 -24.66 7.41 0.50
CA THR B 177 -23.45 8.04 1.02
C THR B 177 -23.69 8.60 2.42
N SER B 178 -22.60 8.74 3.18
CA SER B 178 -22.63 9.36 4.50
C SER B 178 -21.49 10.38 4.60
N SER B 179 -21.73 11.46 5.34
CA SER B 179 -20.81 12.58 5.34
C SER B 179 -20.59 13.12 6.75
N GLY B 180 -19.60 14.00 6.86
CA GLY B 180 -19.35 14.83 8.02
C GLY B 180 -20.25 16.03 8.14
N ASP B 181 -21.25 16.14 7.25
CA ASP B 181 -22.33 17.12 7.36
C ASP B 181 -23.32 16.78 8.45
N THR B 182 -23.22 15.58 9.04
CA THR B 182 -24.26 14.97 9.89
C THR B 182 -25.45 14.52 9.05
N THR B 183 -25.19 14.08 7.82
CA THR B 183 -26.25 13.79 6.86
C THR B 183 -25.88 12.58 6.02
N CYS B 184 -26.89 11.80 5.64
CA CYS B 184 -26.81 10.76 4.63
C CYS B 184 -27.69 11.14 3.43
N ALA B 185 -27.44 10.52 2.29
CA ALA B 185 -28.13 10.88 1.06
C ALA B 185 -28.32 9.67 0.17
N LEU B 186 -29.27 9.78 -0.77
CA LEU B 186 -29.54 8.78 -1.78
C LEU B 186 -29.55 9.45 -3.14
N TRP B 187 -28.81 8.89 -4.09
CA TRP B 187 -28.58 9.53 -5.39
C TRP B 187 -29.12 8.69 -6.53
N ASP B 188 -29.54 9.37 -7.60
CA ASP B 188 -29.77 8.76 -8.90
C ASP B 188 -28.57 9.11 -9.78
N ILE B 189 -27.84 8.09 -10.21
CA ILE B 189 -26.54 8.32 -10.83
C ILE B 189 -26.69 8.96 -12.22
N GLU B 190 -27.69 8.52 -12.99
CA GLU B 190 -27.86 9.04 -14.34
C GLU B 190 -28.12 10.54 -14.33
N THR B 191 -29.01 10.99 -13.44
CA THR B 191 -29.28 12.41 -13.35
C THR B 191 -28.19 13.16 -12.60
N GLY B 192 -27.65 12.56 -11.55
CA GLY B 192 -26.67 13.23 -10.72
C GLY B 192 -27.24 14.05 -9.60
N GLN B 193 -28.42 13.72 -9.10
CA GLN B 193 -29.14 14.50 -8.12
C GLN B 193 -29.45 13.68 -6.88
N GLN B 194 -29.76 14.37 -5.79
CA GLN B 194 -30.17 13.72 -4.56
C GLN B 194 -31.66 13.43 -4.59
N THR B 195 -32.01 12.17 -4.35
CA THR B 195 -33.42 11.77 -4.32
C THR B 195 -34.01 11.88 -2.93
N THR B 196 -33.25 11.55 -1.89
CA THR B 196 -33.71 11.66 -0.50
C THR B 196 -32.54 12.15 0.35
N THR B 197 -32.88 12.74 1.50
CA THR B 197 -31.90 13.22 2.46
C THR B 197 -32.30 12.77 3.84
N PHE B 198 -31.37 12.19 4.58
CA PHE B 198 -31.62 11.64 5.91
C PHE B 198 -30.96 12.52 6.96
N THR B 199 -31.77 13.07 7.86
CA THR B 199 -31.29 14.00 8.87
C THR B 199 -31.66 13.51 10.27
N GLY B 200 -30.87 13.93 11.25
CA GLY B 200 -31.14 13.54 12.62
C GLY B 200 -29.94 13.35 13.53
N HIS B 201 -28.75 13.18 12.95
CA HIS B 201 -27.56 13.04 13.78
C HIS B 201 -27.04 14.40 14.25
N THR B 202 -26.37 14.39 15.39
CA THR B 202 -25.75 15.61 15.92
C THR B 202 -24.22 15.58 15.84
N GLY B 203 -23.64 14.54 15.24
CA GLY B 203 -22.21 14.48 15.03
C GLY B 203 -21.88 13.92 13.67
N ASP B 204 -20.60 13.89 13.35
CA ASP B 204 -20.15 13.35 12.06
C ASP B 204 -20.49 11.88 11.95
N VAL B 205 -20.99 11.49 10.78
CA VAL B 205 -21.39 10.11 10.51
C VAL B 205 -20.20 9.37 9.92
N MET B 206 -19.87 8.20 10.48
CA MET B 206 -18.64 7.49 10.15
C MET B 206 -18.82 6.18 9.38
N SER B 207 -19.98 5.55 9.44
CA SER B 207 -20.13 4.25 8.77
C SER B 207 -21.61 3.97 8.50
N LEU B 208 -21.86 3.20 7.44
CA LEU B 208 -23.19 2.67 7.15
C LEU B 208 -23.07 1.25 6.62
N SER B 209 -24.12 0.45 6.85
CA SER B 209 -24.22 -0.89 6.29
C SER B 209 -25.65 -1.16 5.84
N LEU B 210 -25.78 -1.93 4.76
CA LEU B 210 -27.05 -2.24 4.12
C LEU B 210 -27.58 -3.59 4.58
N ALA B 211 -28.90 -3.70 4.60
CA ALA B 211 -29.56 -4.95 4.94
C ALA B 211 -29.51 -5.93 3.78
N PRO B 212 -29.59 -7.24 4.05
CA PRO B 212 -29.54 -8.21 2.95
C PRO B 212 -30.64 -8.01 1.91
N ASP B 213 -31.84 -7.64 2.32
CA ASP B 213 -32.93 -7.40 1.38
C ASP B 213 -32.88 -6.01 0.76
N THR B 214 -32.00 -5.14 1.23
CA THR B 214 -31.69 -3.85 0.59
C THR B 214 -32.88 -2.90 0.70
N ARG B 215 -33.57 -2.94 1.84
CA ARG B 215 -34.68 -2.03 2.11
C ARG B 215 -34.49 -1.20 3.38
N LEU B 216 -33.43 -1.44 4.14
CA LEU B 216 -33.10 -0.69 5.35
C LEU B 216 -31.59 -0.54 5.43
N PHE B 217 -31.13 0.42 6.23
CA PHE B 217 -29.72 0.51 6.54
C PHE B 217 -29.53 1.21 7.89
N VAL B 218 -28.34 1.00 8.48
CA VAL B 218 -27.99 1.57 9.78
C VAL B 218 -26.74 2.42 9.63
N SER B 219 -26.56 3.35 10.56
CA SER B 219 -25.44 4.28 10.55
C SER B 219 -24.99 4.58 11.98
N GLY B 220 -23.74 5.01 12.10
CA GLY B 220 -23.17 5.35 13.39
C GLY B 220 -22.36 6.63 13.36
N ALA B 221 -22.50 7.49 14.36
CA ALA B 221 -21.94 8.83 14.33
C ALA B 221 -21.14 9.11 15.60
N CYS B 222 -20.51 10.29 15.62
CA CYS B 222 -19.67 10.71 16.73
C CYS B 222 -20.45 11.08 17.98
N ASP B 223 -21.78 11.19 17.88
CA ASP B 223 -22.64 11.46 19.01
C ASP B 223 -22.96 10.22 19.84
N ALA B 224 -22.24 9.11 19.60
CA ALA B 224 -22.42 7.87 20.34
C ALA B 224 -23.82 7.29 20.16
N SER B 225 -24.35 7.38 18.95
CA SER B 225 -25.71 6.92 18.66
C SER B 225 -25.72 6.12 17.37
N ALA B 226 -26.72 5.25 17.24
CA ALA B 226 -26.94 4.47 16.03
C ALA B 226 -28.40 4.56 15.63
N LYS B 227 -28.66 4.61 14.32
CA LYS B 227 -30.00 4.82 13.81
C LYS B 227 -30.32 3.85 12.68
N LEU B 228 -31.58 3.46 12.60
CA LEU B 228 -32.11 2.61 11.55
C LEU B 228 -33.03 3.40 10.65
N TRP B 229 -32.76 3.38 9.34
CA TRP B 229 -33.44 4.21 8.37
C TRP B 229 -34.29 3.38 7.42
N ASP B 230 -35.27 4.03 6.80
CA ASP B 230 -36.11 3.42 5.78
C ASP B 230 -35.78 4.09 4.44
N VAL B 231 -35.44 3.27 3.44
CA VAL B 231 -35.00 3.82 2.16
C VAL B 231 -36.16 4.45 1.41
N ARG B 232 -37.32 3.78 1.41
CA ARG B 232 -38.44 4.24 0.59
C ARG B 232 -39.10 5.50 1.18
N GLU B 233 -39.29 5.52 2.49
CA GLU B 233 -40.02 6.63 3.09
C GLU B 233 -39.10 7.82 3.39
N GLY B 234 -37.92 7.57 3.91
CA GLY B 234 -37.00 8.62 4.28
C GLY B 234 -37.02 9.02 5.73
N MET B 235 -37.53 8.18 6.62
CA MET B 235 -37.71 8.50 8.02
C MET B 235 -36.78 7.65 8.88
N CYS B 236 -36.69 8.02 10.15
CA CYS B 236 -35.91 7.28 11.14
C CYS B 236 -36.88 6.49 12.02
N ARG B 237 -36.60 5.20 12.19
CA ARG B 237 -37.50 4.32 12.91
C ARG B 237 -37.07 4.06 14.35
N GLN B 238 -35.78 3.85 14.60
CA GLN B 238 -35.30 3.47 15.91
C GLN B 238 -33.95 4.15 16.17
N THR B 239 -33.66 4.40 17.44
CA THR B 239 -32.40 5.00 17.87
C THR B 239 -31.84 4.21 19.04
N PHE B 240 -30.56 3.88 18.98
CA PHE B 240 -29.90 3.03 19.97
C PHE B 240 -28.75 3.78 20.60
N THR B 241 -28.66 3.75 21.93
CA THR B 241 -27.64 4.50 22.66
C THR B 241 -27.17 3.68 23.86
N GLY B 242 -25.96 3.13 23.78
CA GLY B 242 -25.35 2.55 24.96
C GLY B 242 -23.86 2.79 25.12
N HIS B 243 -23.21 3.38 24.11
CA HIS B 243 -21.76 3.55 24.12
C HIS B 243 -21.38 4.78 24.95
N GLU B 244 -20.08 5.10 24.98
CA GLU B 244 -19.58 6.26 25.70
C GLU B 244 -18.58 7.08 24.88
N SER B 245 -18.47 6.83 23.58
CA SER B 245 -17.57 7.58 22.72
C SER B 245 -17.96 7.31 21.27
N ASP B 246 -17.13 7.77 20.34
CA ASP B 246 -17.45 7.73 18.92
C ASP B 246 -17.59 6.30 18.42
N ILE B 247 -18.49 6.12 17.46
CA ILE B 247 -18.69 4.83 16.79
C ILE B 247 -18.00 4.86 15.45
N ASN B 248 -17.12 3.89 15.20
CA ASN B 248 -16.32 3.86 13.98
C ASN B 248 -16.77 2.82 12.95
N ALA B 249 -17.41 1.72 13.36
CA ALA B 249 -17.74 0.65 12.44
C ALA B 249 -19.10 0.05 12.80
N ILE B 250 -19.72 -0.60 11.80
CA ILE B 250 -21.06 -1.14 11.96
C ILE B 250 -21.26 -2.24 10.92
N CYS B 251 -22.11 -3.22 11.23
CA CYS B 251 -22.35 -4.37 10.35
C CYS B 251 -23.62 -5.10 10.78
N PHE B 252 -24.44 -5.50 9.80
CA PHE B 252 -25.58 -6.38 10.04
C PHE B 252 -25.19 -7.83 10.30
N PHE B 253 -26.01 -8.49 11.10
CA PHE B 253 -26.06 -9.94 11.18
C PHE B 253 -26.59 -10.52 9.87
N PRO B 254 -26.18 -11.73 9.51
CA PRO B 254 -26.68 -12.33 8.26
C PRO B 254 -28.19 -12.47 8.20
N ASN B 255 -28.84 -12.70 9.34
CA ASN B 255 -30.30 -12.83 9.36
C ASN B 255 -30.99 -11.56 8.90
N GLY B 256 -30.43 -10.41 9.25
CA GLY B 256 -31.09 -9.14 9.02
C GLY B 256 -31.87 -8.60 10.19
N ASN B 257 -31.69 -9.17 11.39
CA ASN B 257 -32.45 -8.77 12.58
C ASN B 257 -31.56 -8.25 13.70
N ALA B 258 -30.27 -8.04 13.45
CA ALA B 258 -29.35 -7.55 14.47
C ALA B 258 -28.15 -6.93 13.76
N PHE B 259 -27.36 -6.20 14.54
CA PHE B 259 -26.15 -5.57 14.01
C PHE B 259 -25.18 -5.36 15.16
N ALA B 260 -23.95 -4.98 14.81
CA ALA B 260 -22.87 -4.82 15.78
C ALA B 260 -22.16 -3.49 15.58
N THR B 261 -21.59 -2.98 16.68
CA THR B 261 -20.96 -1.66 16.70
C THR B 261 -19.63 -1.73 17.41
N GLY B 262 -18.73 -0.81 17.07
CA GLY B 262 -17.42 -0.73 17.68
C GLY B 262 -16.97 0.70 17.88
N SER B 263 -16.44 1.02 19.06
CA SER B 263 -16.27 2.40 19.48
C SER B 263 -14.83 2.65 19.94
N ASP B 264 -14.57 3.92 20.25
CA ASP B 264 -13.30 4.35 20.83
C ASP B 264 -13.16 3.99 22.30
N ASP B 265 -14.23 3.53 22.94
CA ASP B 265 -14.18 3.11 24.33
C ASP B 265 -13.73 1.66 24.48
N ALA B 266 -13.24 1.04 23.40
CA ALA B 266 -12.62 -0.29 23.42
C ALA B 266 -13.63 -1.41 23.67
N THR B 267 -14.82 -1.29 23.09
CA THR B 267 -15.86 -2.29 23.26
C THR B 267 -16.58 -2.55 21.95
N CYS B 268 -17.26 -3.70 21.91
CA CYS B 268 -18.21 -4.06 20.85
C CYS B 268 -19.53 -4.41 21.51
N ARG B 269 -20.64 -4.05 20.88
CA ARG B 269 -21.95 -4.30 21.43
C ARG B 269 -22.88 -4.81 20.35
N LEU B 270 -23.84 -5.64 20.75
CA LEU B 270 -24.79 -6.28 19.86
C LEU B 270 -26.20 -5.79 20.16
N PHE B 271 -26.89 -5.28 19.14
CA PHE B 271 -28.22 -4.73 19.26
C PHE B 271 -29.23 -5.58 18.50
N ASP B 272 -30.45 -5.63 19.03
CA ASP B 272 -31.55 -6.38 18.43
C ASP B 272 -32.63 -5.42 17.95
N LEU B 273 -33.12 -5.65 16.73
CA LEU B 273 -34.08 -4.72 16.13
C LEU B 273 -35.47 -4.88 16.75
N ARG B 274 -35.92 -6.11 16.97
CA ARG B 274 -37.31 -6.34 17.39
C ARG B 274 -37.51 -6.18 18.89
N ALA B 275 -36.46 -5.96 19.65
CA ALA B 275 -36.58 -5.70 21.08
C ALA B 275 -36.04 -4.35 21.52
N ASP B 276 -35.34 -3.63 20.65
CA ASP B 276 -34.73 -2.33 20.98
C ASP B 276 -33.80 -2.46 22.17
N GLN B 277 -32.88 -3.42 22.09
CA GLN B 277 -32.10 -3.83 23.24
C GLN B 277 -30.63 -3.94 22.87
N GLU B 278 -29.79 -3.88 23.90
CA GLU B 278 -28.40 -4.32 23.83
C GLU B 278 -28.32 -5.70 24.43
N LEU B 279 -27.86 -6.67 23.65
CA LEU B 279 -27.87 -8.06 24.08
C LEU B 279 -26.59 -8.53 24.73
N MET B 280 -25.42 -8.14 24.22
CA MET B 280 -24.19 -8.68 24.76
C MET B 280 -23.07 -7.66 24.56
N THR B 281 -21.99 -7.79 25.35
CA THR B 281 -20.85 -6.88 25.33
C THR B 281 -19.56 -7.68 25.22
N TYR B 282 -18.62 -7.16 24.42
CA TYR B 282 -17.35 -7.84 24.15
C TYR B 282 -16.21 -6.94 24.60
N SER B 283 -15.64 -7.21 25.78
CA SER B 283 -14.58 -6.39 26.34
C SER B 283 -13.61 -7.26 27.13
N HIS B 284 -12.39 -6.76 27.28
CA HIS B 284 -11.39 -7.40 28.14
C HIS B 284 -10.62 -6.32 28.89
N ASP B 285 -10.05 -6.72 30.04
CA ASP B 285 -9.46 -5.76 30.96
C ASP B 285 -8.12 -5.23 30.50
N ASN B 286 -7.46 -5.87 29.54
CA ASN B 286 -6.17 -5.42 29.04
C ASN B 286 -6.24 -4.96 27.59
N ILE B 287 -7.38 -4.41 27.18
CA ILE B 287 -7.55 -3.78 25.88
C ILE B 287 -8.01 -2.36 26.13
N ILE B 288 -7.16 -1.39 25.78
CA ILE B 288 -7.43 0.02 26.05
C ILE B 288 -7.49 0.86 24.78
N CYS B 289 -7.32 0.25 23.61
CA CYS B 289 -7.39 0.96 22.34
C CYS B 289 -8.75 0.78 21.70
N GLY B 290 -9.04 1.64 20.73
CA GLY B 290 -10.33 1.65 20.07
C GLY B 290 -10.46 0.62 18.97
N ILE B 291 -11.68 0.55 18.43
CA ILE B 291 -12.02 -0.37 17.35
C ILE B 291 -11.99 0.41 16.04
N THR B 292 -11.49 -0.24 14.98
CA THR B 292 -11.50 0.34 13.66
C THR B 292 -12.39 -0.38 12.66
N SER B 293 -12.78 -1.62 12.93
CA SER B 293 -13.55 -2.41 11.96
C SER B 293 -14.24 -3.56 12.67
N VAL B 294 -15.35 -4.02 12.08
CA VAL B 294 -16.09 -5.19 12.54
C VAL B 294 -16.60 -5.93 11.32
N SER B 295 -16.72 -7.26 11.44
CA SER B 295 -17.28 -8.07 10.37
C SER B 295 -17.71 -9.41 10.93
N PHE B 296 -18.78 -9.96 10.38
CA PHE B 296 -19.34 -11.24 10.78
C PHE B 296 -18.88 -12.36 9.84
N SER B 297 -19.08 -13.59 10.29
CA SER B 297 -18.82 -14.77 9.49
C SER B 297 -20.08 -15.16 8.73
N LYS B 298 -20.07 -16.28 8.02
CA LYS B 298 -21.19 -16.63 7.15
C LYS B 298 -22.41 -17.09 7.96
N SER B 299 -22.19 -17.90 8.99
CA SER B 299 -23.28 -18.33 9.85
C SER B 299 -23.55 -17.37 10.99
N GLY B 300 -22.70 -16.36 11.19
CA GLY B 300 -22.89 -15.42 12.28
C GLY B 300 -22.46 -15.91 13.65
N ARG B 301 -21.46 -16.80 13.71
CA ARG B 301 -20.98 -17.31 14.98
C ARG B 301 -19.66 -16.67 15.43
N LEU B 302 -18.86 -16.17 14.49
CA LEU B 302 -17.63 -15.47 14.82
C LEU B 302 -17.77 -14.00 14.46
N LEU B 303 -17.23 -13.14 15.32
CA LEU B 303 -17.20 -11.70 15.12
C LEU B 303 -15.75 -11.24 15.09
N LEU B 304 -15.37 -10.53 14.04
CA LEU B 304 -13.99 -10.16 13.78
C LEU B 304 -13.83 -8.65 13.91
N ALA B 305 -12.81 -8.23 14.67
CA ALA B 305 -12.60 -6.82 14.99
C ALA B 305 -11.14 -6.44 14.80
N GLY B 306 -10.91 -5.25 14.26
CA GLY B 306 -9.58 -4.69 14.08
C GLY B 306 -9.32 -3.56 15.06
N TYR B 307 -8.09 -3.50 15.57
CA TYR B 307 -7.74 -2.61 16.67
C TYR B 307 -6.57 -1.69 16.29
N ASP B 308 -6.31 -0.74 17.18
CA ASP B 308 -5.18 0.17 17.04
C ASP B 308 -3.87 -0.39 17.61
N ASP B 309 -3.93 -1.51 18.34
CA ASP B 309 -2.73 -2.14 18.90
C ASP B 309 -2.07 -3.12 17.94
N PHE B 310 -2.35 -2.96 16.64
CA PHE B 310 -1.69 -3.55 15.49
C PHE B 310 -2.16 -4.95 15.13
N ASN B 311 -3.25 -5.47 15.72
CA ASN B 311 -3.71 -6.81 15.34
C ASN B 311 -5.22 -6.89 15.48
N CYS B 312 -5.74 -8.09 15.24
CA CYS B 312 -7.18 -8.36 15.22
C CYS B 312 -7.52 -9.49 16.17
N ASN B 313 -8.78 -9.51 16.62
CA ASN B 313 -9.29 -10.48 17.56
C ASN B 313 -10.49 -11.21 16.96
N VAL B 314 -10.72 -12.43 17.43
CA VAL B 314 -11.80 -13.28 16.96
C VAL B 314 -12.66 -13.65 18.16
N TRP B 315 -13.91 -13.21 18.14
CA TRP B 315 -14.83 -13.37 19.27
C TRP B 315 -15.86 -14.45 18.99
N ASP B 316 -16.32 -15.09 20.04
CA ASP B 316 -17.49 -15.96 19.98
C ASP B 316 -18.72 -15.08 20.18
N ALA B 317 -19.52 -14.93 19.13
CA ALA B 317 -20.62 -13.98 19.17
C ALA B 317 -21.71 -14.40 20.16
N LEU B 318 -21.80 -15.69 20.47
CA LEU B 318 -22.87 -16.18 21.33
C LEU B 318 -22.45 -16.31 22.79
N LYS B 319 -21.15 -16.25 23.08
CA LYS B 319 -20.66 -16.44 24.43
C LYS B 319 -19.73 -15.34 24.91
N ALA B 320 -19.22 -14.49 24.01
CA ALA B 320 -18.37 -13.35 24.34
C ALA B 320 -17.09 -13.78 25.04
N ASP B 321 -16.39 -14.73 24.43
CA ASP B 321 -15.05 -15.11 24.83
C ASP B 321 -14.17 -15.13 23.59
N ARG B 322 -12.92 -14.70 23.73
CA ARG B 322 -12.06 -14.69 22.57
C ARG B 322 -11.69 -16.11 22.15
N ALA B 323 -11.36 -16.24 20.87
CA ALA B 323 -10.98 -17.53 20.30
C ALA B 323 -9.69 -17.50 19.52
N GLY B 324 -9.18 -16.33 19.13
CA GLY B 324 -7.94 -16.30 18.38
C GLY B 324 -7.51 -14.88 18.13
N VAL B 325 -6.32 -14.76 17.55
CA VAL B 325 -5.70 -13.49 17.20
C VAL B 325 -5.04 -13.63 15.83
N LEU B 326 -5.25 -12.63 14.98
CA LEU B 326 -4.51 -12.51 13.73
C LEU B 326 -3.48 -11.40 13.93
N ALA B 327 -2.21 -11.77 14.07
CA ALA B 327 -1.15 -10.83 14.42
C ALA B 327 -0.02 -10.89 13.40
N GLY B 328 -0.05 -9.98 12.42
CA GLY B 328 1.00 -9.93 11.44
C GLY B 328 1.36 -8.55 10.91
N HIS B 329 0.82 -7.50 11.49
CA HIS B 329 1.00 -6.15 10.98
C HIS B 329 1.84 -5.32 11.94
N ASP B 330 2.62 -4.38 11.38
CA ASP B 330 3.44 -3.46 12.17
C ASP B 330 2.95 -2.02 12.07
N ASN B 331 1.67 -1.83 11.82
CA ASN B 331 0.97 -0.57 12.05
C ASN B 331 -0.51 -0.91 12.20
N ARG B 332 -1.33 0.11 12.44
CA ARG B 332 -2.71 -0.15 12.86
C ARG B 332 -3.54 -0.69 11.71
N VAL B 333 -4.44 -1.61 12.05
CA VAL B 333 -5.40 -2.15 11.09
C VAL B 333 -6.49 -1.12 10.85
N SER B 334 -6.83 -0.88 9.59
CA SER B 334 -7.79 0.15 9.22
C SER B 334 -9.00 -0.36 8.45
N CYS B 335 -9.00 -1.60 7.99
CA CYS B 335 -10.12 -2.13 7.21
C CYS B 335 -10.13 -3.64 7.29
N LEU B 336 -11.27 -4.23 6.96
CA LEU B 336 -11.49 -5.66 7.16
C LEU B 336 -12.66 -6.10 6.28
N GLY B 337 -12.74 -7.40 6.00
CA GLY B 337 -13.82 -7.93 5.20
C GLY B 337 -13.84 -9.44 4.94
N VAL B 338 -15.03 -10.04 4.94
CA VAL B 338 -15.22 -11.47 4.70
C VAL B 338 -15.89 -11.66 3.34
N THR B 339 -15.56 -12.77 2.68
CA THR B 339 -16.10 -13.08 1.36
C THR B 339 -17.56 -13.50 1.44
N ASP B 340 -18.25 -13.43 0.30
CA ASP B 340 -19.65 -13.82 0.22
C ASP B 340 -19.86 -15.33 0.24
N ASP B 341 -18.81 -16.13 0.07
CA ASP B 341 -18.90 -17.57 0.25
C ASP B 341 -18.20 -18.04 1.51
N GLY B 342 -17.74 -17.12 2.35
CA GLY B 342 -17.23 -17.46 3.66
C GLY B 342 -15.87 -18.13 3.67
N MET B 343 -15.07 -17.94 2.63
CA MET B 343 -13.86 -18.72 2.46
C MET B 343 -12.59 -18.03 2.94
N ALA B 344 -12.59 -16.70 3.04
CA ALA B 344 -11.36 -16.00 3.40
C ALA B 344 -11.70 -14.64 3.99
N VAL B 345 -10.69 -14.06 4.65
CA VAL B 345 -10.78 -12.74 5.27
C VAL B 345 -9.56 -11.94 4.85
N ALA B 346 -9.73 -10.63 4.70
CA ALA B 346 -8.65 -9.74 4.29
C ALA B 346 -8.53 -8.57 5.25
N THR B 347 -7.30 -8.06 5.39
CA THR B 347 -7.00 -6.94 6.27
C THR B 347 -6.08 -5.96 5.56
N GLY B 348 -6.26 -4.68 5.90
CA GLY B 348 -5.35 -3.64 5.43
C GLY B 348 -4.84 -2.84 6.60
N SER B 349 -3.71 -2.17 6.39
CA SER B 349 -3.05 -1.48 7.49
C SER B 349 -2.30 -0.27 6.98
N TRP B 350 -1.91 0.60 7.91
CA TRP B 350 -1.10 1.78 7.64
C TRP B 350 0.33 1.43 7.26
N ASP B 351 0.70 0.15 7.23
CA ASP B 351 2.00 -0.28 6.75
C ASP B 351 2.03 -0.60 5.26
N SER B 352 0.93 -0.36 4.56
CA SER B 352 0.84 -0.48 3.10
C SER B 352 0.93 -1.92 2.62
N PHE B 353 0.24 -2.83 3.31
CA PHE B 353 0.18 -4.23 2.90
C PHE B 353 -1.23 -4.76 3.11
N LEU B 354 -1.61 -5.72 2.27
CA LEU B 354 -2.86 -6.45 2.39
C LEU B 354 -2.56 -7.92 2.59
N LYS B 355 -3.33 -8.57 3.46
CA LYS B 355 -3.11 -9.97 3.78
C LYS B 355 -4.42 -10.73 3.74
N ILE B 356 -4.40 -11.93 3.16
CA ILE B 356 -5.54 -12.82 3.09
C ILE B 356 -5.29 -13.99 4.03
N TRP B 357 -6.26 -14.24 4.91
CA TRP B 357 -6.13 -15.24 5.96
C TRP B 357 -7.18 -16.33 5.76
N ASN B 358 -6.88 -17.51 6.26
CA ASN B 358 -7.75 -18.65 6.05
C ASN B 358 -7.53 -19.73 7.09
N GLN C 11 -39.00 26.53 18.73
CA GLN C 11 -40.00 25.54 18.31
C GLN C 11 -39.39 24.16 18.16
N ALA C 12 -39.48 23.34 19.20
CA ALA C 12 -38.94 21.99 19.20
C ALA C 12 -40.03 20.94 18.97
N ARG C 13 -41.10 21.31 18.27
CA ARG C 13 -42.18 20.36 17.98
C ARG C 13 -41.73 19.25 17.05
N LYS C 14 -40.59 19.40 16.38
CA LYS C 14 -40.08 18.32 15.54
C LYS C 14 -39.45 17.20 16.38
N LEU C 15 -38.79 17.56 17.49
CA LEU C 15 -38.16 16.56 18.34
C LEU C 15 -39.19 15.66 19.01
N VAL C 16 -40.25 16.26 19.56
CA VAL C 16 -41.28 15.47 20.22
C VAL C 16 -42.05 14.63 19.21
N GLU C 17 -42.26 15.14 18.00
CA GLU C 17 -43.00 14.37 17.00
C GLU C 17 -42.23 13.12 16.58
N GLN C 18 -40.90 13.15 16.66
CA GLN C 18 -40.12 11.94 16.38
C GLN C 18 -40.17 10.95 17.54
N LEU C 19 -40.22 11.47 18.77
CA LEU C 19 -40.30 10.59 19.93
C LEU C 19 -41.57 9.77 19.92
N LYS C 20 -42.71 10.39 19.57
CA LYS C 20 -43.98 9.68 19.56
C LYS C 20 -44.00 8.60 18.47
N MET C 21 -43.43 8.90 17.30
CA MET C 21 -43.45 7.96 16.19
C MET C 21 -42.52 6.77 16.39
N GLU C 22 -41.66 6.81 17.40
CA GLU C 22 -40.71 5.73 17.66
C GLU C 22 -41.06 4.91 18.89
N ALA C 23 -41.60 5.56 19.93
CA ALA C 23 -41.95 4.83 21.15
C ALA C 23 -43.09 3.86 20.91
N ASN C 24 -44.14 4.30 20.21
CA ASN C 24 -45.35 3.49 20.02
C ASN C 24 -45.14 2.54 18.85
N ILE C 25 -44.46 1.43 19.13
CA ILE C 25 -44.25 0.35 18.18
C ILE C 25 -44.47 -0.97 18.90
N ASP C 26 -44.33 -2.07 18.17
CA ASP C 26 -44.54 -3.42 18.69
C ASP C 26 -43.19 -4.03 19.05
N ARG C 27 -43.10 -4.58 20.26
CA ARG C 27 -41.86 -5.17 20.76
C ARG C 27 -42.13 -6.58 21.26
N ILE C 28 -41.06 -7.38 21.28
CA ILE C 28 -41.15 -8.76 21.76
C ILE C 28 -40.12 -8.96 22.87
N LYS C 29 -40.05 -10.17 23.41
CA LYS C 29 -39.23 -10.44 24.58
C LYS C 29 -37.78 -10.74 24.18
N VAL C 30 -36.88 -10.53 25.14
CA VAL C 30 -35.46 -10.77 24.90
C VAL C 30 -35.19 -12.26 24.78
N SER C 31 -35.88 -13.08 25.56
CA SER C 31 -35.67 -14.53 25.50
C SER C 31 -36.00 -15.07 24.11
N LYS C 32 -37.03 -14.52 23.46
CA LYS C 32 -37.36 -14.95 22.11
C LYS C 32 -36.35 -14.43 21.09
N ALA C 33 -35.66 -13.34 21.39
CA ALA C 33 -34.64 -12.83 20.48
C ALA C 33 -33.39 -13.68 20.51
N ALA C 34 -32.96 -14.12 21.70
CA ALA C 34 -31.78 -14.95 21.81
C ALA C 34 -31.99 -16.31 21.16
N ALA C 35 -33.18 -16.89 21.32
CA ALA C 35 -33.46 -18.19 20.74
C ALA C 35 -33.43 -18.13 19.22
N ASP C 36 -33.91 -17.04 18.64
CA ASP C 36 -33.92 -16.92 17.18
C ASP C 36 -32.50 -16.82 16.61
N LEU C 37 -31.58 -16.15 17.32
CA LEU C 37 -30.19 -16.12 16.87
C LEU C 37 -29.46 -17.42 17.15
N MET C 38 -29.84 -18.12 18.22
CA MET C 38 -29.20 -19.40 18.51
C MET C 38 -29.60 -20.47 17.50
N ALA C 39 -30.81 -20.40 16.98
CA ALA C 39 -31.26 -21.36 15.98
C ALA C 39 -30.69 -21.08 14.60
N TYR C 40 -30.36 -19.82 14.29
CA TYR C 40 -29.79 -19.51 12.99
C TYR C 40 -28.38 -20.04 12.86
N CYS C 41 -27.57 -19.89 13.91
CA CYS C 41 -26.19 -20.35 13.85
C CYS C 41 -26.12 -21.86 13.83
N GLU C 42 -27.02 -22.52 14.55
CA GLU C 42 -27.04 -23.98 14.58
C GLU C 42 -27.50 -24.56 13.25
N ALA C 43 -28.39 -23.86 12.53
CA ALA C 43 -28.90 -24.39 11.27
C ALA C 43 -27.88 -24.26 10.15
N HIS C 44 -26.96 -23.29 10.22
CA HIS C 44 -26.03 -23.00 9.15
C HIS C 44 -24.59 -23.32 9.52
N ALA C 45 -24.39 -24.26 10.45
CA ALA C 45 -23.06 -24.48 11.02
C ALA C 45 -22.12 -25.16 10.04
N LYS C 46 -22.62 -26.01 9.15
CA LYS C 46 -21.80 -26.82 8.27
C LYS C 46 -21.59 -26.17 6.91
N GLU C 47 -21.75 -24.86 6.80
CA GLU C 47 -21.65 -24.17 5.53
C GLU C 47 -20.68 -22.99 5.50
N ASP C 48 -19.91 -22.76 6.56
CA ASP C 48 -18.89 -21.72 6.55
C ASP C 48 -17.52 -22.32 6.84
N PRO C 49 -16.56 -22.19 5.93
CA PRO C 49 -15.24 -22.80 6.16
C PRO C 49 -14.52 -22.29 7.41
N LEU C 50 -14.71 -21.04 7.80
CA LEU C 50 -13.89 -20.47 8.87
C LEU C 50 -14.14 -21.13 10.20
N LEU C 51 -15.33 -21.68 10.43
CA LEU C 51 -15.61 -22.39 11.66
C LEU C 51 -15.09 -23.82 11.60
N THR C 52 -15.60 -24.60 10.65
CA THR C 52 -15.13 -25.96 10.43
C THR C 52 -14.15 -25.96 9.28
N PRO C 53 -12.86 -26.18 9.50
CA PRO C 53 -11.89 -26.10 8.41
C PRO C 53 -12.17 -27.13 7.32
N VAL C 54 -11.93 -26.74 6.08
CA VAL C 54 -12.13 -27.60 4.92
C VAL C 54 -10.80 -28.28 4.59
N PRO C 55 -10.82 -29.46 3.96
CA PRO C 55 -9.57 -30.10 3.57
C PRO C 55 -8.85 -29.31 2.50
N ALA C 56 -7.56 -29.62 2.34
CA ALA C 56 -6.70 -28.87 1.44
C ALA C 56 -7.05 -29.05 -0.02
N SER C 57 -7.91 -30.02 -0.36
CA SER C 57 -8.29 -30.23 -1.76
C SER C 57 -9.37 -29.27 -2.23
N GLU C 58 -10.05 -28.57 -1.31
CA GLU C 58 -11.13 -27.67 -1.66
C GLU C 58 -10.84 -26.24 -1.20
N ASN C 59 -9.56 -25.90 -1.05
CA ASN C 59 -9.15 -24.58 -0.60
C ASN C 59 -8.47 -23.82 -1.73
N PRO C 60 -9.10 -22.78 -2.29
CA PRO C 60 -8.47 -22.02 -3.37
C PRO C 60 -7.18 -21.34 -2.97
N PHE C 61 -6.95 -21.08 -1.68
CA PHE C 61 -5.72 -20.45 -1.24
C PHE C 61 -4.82 -21.47 -0.56
N VAL D 2 -13.80 2.39 -33.24
CA VAL D 2 -12.47 1.82 -33.42
C VAL D 2 -12.25 1.49 -34.90
N GLN D 3 -11.03 1.75 -35.39
CA GLN D 3 -10.71 1.51 -36.79
C GLN D 3 -9.32 0.91 -36.91
N LEU D 4 -9.12 0.06 -37.92
CA LEU D 4 -7.82 -0.48 -38.28
C LEU D 4 -7.75 -0.55 -39.80
N VAL D 5 -6.76 0.12 -40.40
CA VAL D 5 -6.66 0.24 -41.85
C VAL D 5 -5.29 -0.26 -42.29
N GLU D 6 -5.29 -1.21 -43.22
CA GLU D 6 -4.06 -1.84 -43.71
C GLU D 6 -3.64 -1.20 -45.03
N SER D 7 -2.33 -1.14 -45.24
CA SER D 7 -1.76 -0.57 -46.44
C SER D 7 -0.66 -1.51 -46.94
N GLY D 8 -0.17 -1.23 -48.14
CA GLY D 8 0.75 -2.13 -48.81
C GLY D 8 0.00 -3.26 -49.50
N GLY D 9 0.75 -4.04 -50.26
CA GLY D 9 0.15 -5.17 -50.94
C GLY D 9 -0.09 -4.91 -52.42
N GLY D 10 0.25 -5.90 -53.25
CA GLY D 10 0.12 -5.76 -54.69
C GLY D 10 0.68 -6.94 -55.45
N LEU D 11 1.38 -6.67 -56.55
CA LEU D 11 1.98 -7.71 -57.38
C LEU D 11 3.48 -7.70 -57.16
N VAL D 12 4.02 -8.84 -56.75
CA VAL D 12 5.44 -8.98 -56.44
C VAL D 12 5.99 -10.21 -57.15
N GLN D 13 7.22 -10.11 -57.63
CA GLN D 13 7.89 -11.23 -58.27
C GLN D 13 8.48 -12.16 -57.22
N PRO D 14 8.64 -13.45 -57.54
CA PRO D 14 9.24 -14.37 -56.58
C PRO D 14 10.65 -13.97 -56.21
N GLY D 15 10.99 -14.12 -54.93
CA GLY D 15 12.27 -13.72 -54.42
C GLY D 15 12.34 -12.31 -53.87
N GLY D 16 11.30 -11.51 -54.05
CA GLY D 16 11.34 -10.11 -53.66
C GLY D 16 11.02 -9.87 -52.20
N SER D 17 10.81 -8.59 -51.86
CA SER D 17 10.51 -8.17 -50.51
C SER D 17 9.41 -7.14 -50.53
N ARG D 18 8.72 -7.00 -49.38
CA ARG D 18 7.59 -6.09 -49.25
C ARG D 18 7.40 -5.73 -47.79
N LYS D 19 6.68 -4.65 -47.55
CA LYS D 19 6.39 -4.19 -46.20
C LYS D 19 4.93 -3.79 -46.08
N LEU D 20 4.30 -4.21 -45.00
CA LEU D 20 2.89 -3.98 -44.74
C LEU D 20 2.73 -3.07 -43.53
N SER D 21 1.65 -2.30 -43.51
CA SER D 21 1.41 -1.32 -42.46
C SER D 21 -0.05 -1.38 -42.01
N CYS D 22 -0.26 -1.19 -40.71
CA CYS D 22 -1.59 -1.19 -40.10
C CYS D 22 -1.66 0.00 -39.16
N SER D 23 -2.61 0.90 -39.39
CA SER D 23 -2.72 2.14 -38.63
C SER D 23 -4.02 2.15 -37.83
N ALA D 24 -3.90 2.39 -36.53
CA ALA D 24 -5.01 2.31 -35.59
C ALA D 24 -5.49 3.70 -35.19
N SER D 25 -6.76 3.77 -34.79
CA SER D 25 -7.38 5.02 -34.38
C SER D 25 -8.67 4.72 -33.65
N GLY D 26 -8.86 5.32 -32.48
CA GLY D 26 -10.08 5.17 -31.72
C GLY D 26 -9.95 4.49 -30.39
N PHE D 27 -8.77 3.99 -30.02
CA PHE D 27 -8.61 3.27 -28.76
C PHE D 27 -7.16 3.37 -28.30
N ALA D 28 -6.93 2.92 -27.06
CA ALA D 28 -5.60 2.94 -26.47
C ALA D 28 -4.71 1.85 -27.07
N PHE D 29 -3.94 2.21 -28.11
CA PHE D 29 -3.22 1.21 -28.89
C PHE D 29 -2.11 0.54 -28.10
N SER D 30 -1.55 1.21 -27.09
CA SER D 30 -0.40 0.67 -26.39
C SER D 30 -0.77 -0.40 -25.36
N SER D 31 -2.04 -0.52 -24.99
CA SER D 31 -2.47 -1.50 -24.00
C SER D 31 -2.88 -2.83 -24.62
N PHE D 32 -2.79 -2.96 -25.93
CA PHE D 32 -3.29 -4.13 -26.63
C PHE D 32 -2.16 -4.93 -27.27
N GLY D 33 -2.38 -6.23 -27.42
CA GLY D 33 -1.52 -7.04 -28.25
C GLY D 33 -2.05 -7.13 -29.68
N MET D 34 -1.20 -7.55 -30.60
CA MET D 34 -1.55 -7.53 -32.01
C MET D 34 -1.14 -8.85 -32.69
N HIS D 35 -1.94 -9.24 -33.68
CA HIS D 35 -1.73 -10.46 -34.46
C HIS D 35 -1.84 -10.13 -35.95
N TRP D 36 -1.20 -10.97 -36.77
CA TRP D 36 -1.41 -10.99 -38.21
C TRP D 36 -1.99 -12.35 -38.58
N VAL D 37 -3.09 -12.34 -39.36
CA VAL D 37 -3.76 -13.55 -39.80
C VAL D 37 -4.04 -13.42 -41.30
N ARG D 38 -3.83 -14.50 -42.05
CA ARG D 38 -3.97 -14.48 -43.49
C ARG D 38 -4.97 -15.53 -43.98
N GLN D 39 -5.45 -15.33 -45.20
CA GLN D 39 -6.46 -16.20 -45.81
C GLN D 39 -6.13 -16.42 -47.28
N ALA D 40 -5.91 -17.68 -47.65
CA ALA D 40 -5.66 -18.04 -49.04
C ALA D 40 -6.90 -17.79 -49.89
N PRO D 41 -6.72 -17.60 -51.20
CA PRO D 41 -7.83 -17.09 -52.03
C PRO D 41 -9.14 -17.87 -51.94
N GLU D 42 -9.09 -19.20 -51.87
CA GLU D 42 -10.30 -19.97 -51.67
C GLU D 42 -10.30 -20.81 -50.39
N LYS D 43 -9.19 -20.87 -49.67
CA LYS D 43 -9.06 -21.71 -48.49
C LYS D 43 -9.43 -20.92 -47.22
N GLY D 44 -9.10 -21.47 -46.06
CA GLY D 44 -9.50 -20.93 -44.78
C GLY D 44 -8.45 -20.04 -44.14
N LEU D 45 -8.56 -19.91 -42.81
CA LEU D 45 -7.76 -18.97 -42.03
C LEU D 45 -6.48 -19.63 -41.51
N GLU D 46 -5.50 -18.78 -41.19
CA GLU D 46 -4.19 -19.25 -40.74
C GLU D 46 -3.47 -18.13 -40.00
N TRP D 47 -2.82 -18.49 -38.89
CA TRP D 47 -2.16 -17.51 -38.02
C TRP D 47 -0.70 -17.36 -38.42
N VAL D 48 -0.20 -16.12 -38.38
CA VAL D 48 1.12 -15.77 -38.90
C VAL D 48 2.10 -15.37 -37.80
N ALA D 49 1.78 -14.32 -37.05
CA ALA D 49 2.74 -13.81 -36.07
C ALA D 49 2.03 -13.00 -34.99
N TYR D 50 2.74 -12.76 -33.89
CA TYR D 50 2.19 -12.10 -32.71
C TYR D 50 3.23 -11.17 -32.09
N ILE D 51 2.76 -10.01 -31.64
CA ILE D 51 3.56 -9.03 -30.92
C ILE D 51 2.84 -8.70 -29.61
N SER D 52 3.59 -8.50 -28.55
CA SER D 52 3.03 -8.31 -27.22
C SER D 52 2.95 -6.82 -26.87
N SER D 53 2.14 -6.52 -25.86
CA SER D 53 2.08 -5.18 -25.31
C SER D 53 3.35 -4.89 -24.52
N GLY D 54 4.09 -3.86 -24.94
CA GLY D 54 5.41 -3.61 -24.42
C GLY D 54 6.55 -4.24 -25.20
N SER D 55 6.24 -5.05 -26.21
CA SER D 55 7.22 -5.58 -27.15
C SER D 55 8.22 -6.54 -26.49
N GLY D 56 7.78 -7.29 -25.50
CA GLY D 56 8.66 -8.20 -24.80
C GLY D 56 8.55 -9.65 -25.22
N THR D 57 7.55 -9.99 -26.03
CA THR D 57 7.32 -11.35 -26.48
C THR D 57 6.96 -11.34 -27.96
N ILE D 58 7.63 -12.19 -28.73
CA ILE D 58 7.36 -12.34 -30.16
C ILE D 58 7.30 -13.83 -30.49
N TYR D 59 6.31 -14.23 -31.28
CA TYR D 59 6.16 -15.60 -31.73
C TYR D 59 5.97 -15.61 -33.25
N TYR D 60 6.41 -16.71 -33.87
CA TYR D 60 6.26 -16.89 -35.31
C TYR D 60 5.75 -18.29 -35.61
N ALA D 61 5.10 -18.43 -36.76
CA ALA D 61 4.75 -19.74 -37.28
C ALA D 61 5.95 -20.38 -37.97
N ASP D 62 5.86 -21.70 -38.17
CA ASP D 62 7.00 -22.42 -38.72
C ASP D 62 7.21 -22.15 -40.20
N THR D 63 6.15 -21.85 -40.94
CA THR D 63 6.26 -21.67 -42.38
C THR D 63 6.88 -20.34 -42.77
N VAL D 64 7.10 -19.44 -41.82
CA VAL D 64 7.57 -18.09 -42.13
C VAL D 64 8.78 -17.72 -41.28
N LYS D 65 9.06 -18.54 -40.26
CA LYS D 65 10.12 -18.21 -39.31
C LYS D 65 11.46 -18.15 -40.02
N GLY D 66 12.20 -17.08 -39.76
CA GLY D 66 13.43 -16.80 -40.46
C GLY D 66 13.29 -15.94 -41.71
N ARG D 67 12.07 -15.63 -42.11
CA ARG D 67 11.80 -14.81 -43.28
C ARG D 67 11.06 -13.51 -42.95
N PHE D 68 10.08 -13.55 -42.06
CA PHE D 68 9.28 -12.39 -41.72
C PHE D 68 9.73 -11.79 -40.39
N THR D 69 9.38 -10.52 -40.19
CA THR D 69 9.70 -9.80 -38.96
C THR D 69 8.54 -8.89 -38.60
N ILE D 70 8.16 -8.87 -37.33
CA ILE D 70 7.05 -8.07 -36.83
C ILE D 70 7.61 -7.00 -35.90
N SER D 71 7.06 -5.79 -36.01
CA SER D 71 7.50 -4.65 -35.21
C SER D 71 6.35 -3.67 -35.04
N ARG D 72 6.45 -2.85 -34.01
CA ARG D 72 5.42 -1.86 -33.71
C ARG D 72 6.07 -0.53 -33.34
N ASP D 73 5.29 0.55 -33.51
CA ASP D 73 5.72 1.92 -33.24
C ASP D 73 4.58 2.59 -32.45
N ASP D 74 4.66 2.50 -31.13
CA ASP D 74 3.56 2.97 -30.29
C ASP D 74 3.25 4.46 -30.43
N PRO D 75 4.23 5.39 -30.43
CA PRO D 75 3.87 6.81 -30.58
C PRO D 75 3.09 7.14 -31.83
N LYS D 76 3.37 6.47 -32.95
CA LYS D 76 2.68 6.75 -34.20
C LYS D 76 1.49 5.84 -34.46
N ASN D 77 1.19 4.93 -33.52
CA ASN D 77 -0.02 4.10 -33.58
C ASN D 77 -0.04 3.22 -34.84
N THR D 78 1.09 2.60 -35.15
CA THR D 78 1.20 1.82 -36.38
C THR D 78 1.88 0.48 -36.12
N LEU D 79 1.57 -0.49 -36.97
CA LEU D 79 2.06 -1.86 -36.89
C LEU D 79 2.62 -2.27 -38.24
N PHE D 80 3.71 -3.05 -38.23
CA PHE D 80 4.43 -3.37 -39.46
C PHE D 80 4.63 -4.88 -39.62
N LEU D 81 4.93 -5.29 -40.85
CA LEU D 81 5.29 -6.67 -41.16
C LEU D 81 6.21 -6.66 -42.38
N GLN D 82 7.46 -7.08 -42.18
CA GLN D 82 8.49 -7.00 -43.21
C GLN D 82 8.71 -8.36 -43.84
N MET D 83 8.77 -8.38 -45.17
CA MET D 83 8.88 -9.60 -45.96
C MET D 83 10.33 -9.84 -46.37
N THR D 84 10.61 -11.06 -46.81
CA THR D 84 11.89 -11.44 -47.40
C THR D 84 11.73 -12.81 -48.03
N SER D 85 12.29 -12.98 -49.24
CA SER D 85 12.30 -14.26 -49.94
C SER D 85 10.87 -14.79 -50.14
N LEU D 86 10.10 -14.04 -50.92
CA LEU D 86 8.70 -14.36 -51.12
C LEU D 86 8.55 -15.47 -52.16
N ARG D 87 7.74 -16.47 -51.84
CA ARG D 87 7.40 -17.53 -52.75
C ARG D 87 5.90 -17.49 -53.05
N SER D 88 5.44 -18.43 -53.88
CA SER D 88 4.07 -18.41 -54.36
C SER D 88 3.07 -18.96 -53.35
N GLU D 89 3.53 -19.48 -52.22
CA GLU D 89 2.64 -19.91 -51.15
C GLU D 89 2.22 -18.76 -50.24
N ASP D 90 2.71 -17.55 -50.49
CA ASP D 90 2.42 -16.39 -49.68
C ASP D 90 1.40 -15.46 -50.32
N THR D 91 0.66 -15.92 -51.31
CA THR D 91 -0.37 -15.11 -51.97
C THR D 91 -1.69 -15.29 -51.21
N ALA D 92 -2.11 -14.25 -50.49
CA ALA D 92 -3.27 -14.33 -49.62
C ALA D 92 -3.71 -12.91 -49.26
N MET D 93 -4.67 -12.83 -48.34
CA MET D 93 -5.16 -11.56 -47.79
C MET D 93 -4.82 -11.51 -46.32
N TYR D 94 -4.31 -10.38 -45.85
CA TYR D 94 -3.74 -10.27 -44.51
C TYR D 94 -4.62 -9.39 -43.63
N TYR D 95 -4.84 -9.83 -42.40
CA TYR D 95 -5.70 -9.15 -41.45
C TYR D 95 -4.90 -8.70 -40.23
N CYS D 96 -5.42 -7.68 -39.56
CA CYS D 96 -4.79 -7.04 -38.41
C CYS D 96 -5.76 -7.18 -37.24
N VAL D 97 -5.31 -7.83 -36.16
CA VAL D 97 -6.19 -8.21 -35.06
C VAL D 97 -5.63 -7.69 -33.75
N ARG D 98 -6.53 -7.25 -32.85
CA ARG D 98 -6.17 -6.76 -31.53
C ARG D 98 -6.65 -7.73 -30.46
N SER D 99 -5.94 -7.78 -29.33
CA SER D 99 -6.29 -8.68 -28.24
C SER D 99 -5.69 -8.16 -26.94
N ILE D 100 -6.43 -8.33 -25.84
CA ILE D 100 -6.01 -7.91 -24.50
C ILE D 100 -6.27 -9.05 -23.52
N TYR D 101 -5.34 -9.23 -22.58
CA TYR D 101 -5.34 -10.39 -21.70
C TYR D 101 -5.32 -9.95 -20.24
N TYR D 102 -6.41 -10.20 -19.53
CA TYR D 102 -6.48 -10.13 -18.07
C TYR D 102 -7.68 -10.98 -17.64
N TYR D 103 -7.93 -11.02 -16.34
CA TYR D 103 -9.02 -11.85 -15.82
C TYR D 103 -10.36 -11.32 -16.32
N GLY D 104 -11.13 -12.18 -16.98
CA GLY D 104 -12.43 -11.80 -17.51
C GLY D 104 -12.41 -11.08 -18.84
N SER D 105 -11.26 -11.02 -19.50
CA SER D 105 -11.14 -10.31 -20.77
C SER D 105 -11.78 -11.11 -21.90
N SER D 106 -11.66 -10.59 -23.12
CA SER D 106 -12.18 -11.25 -24.30
C SER D 106 -11.29 -10.94 -25.49
N PRO D 107 -10.24 -11.73 -25.69
CA PRO D 107 -9.33 -11.47 -26.81
C PRO D 107 -9.99 -11.73 -28.16
N PHE D 108 -9.36 -11.16 -29.20
CA PHE D 108 -9.76 -11.34 -30.59
C PHE D 108 -11.12 -10.67 -30.87
N ASP D 109 -11.28 -9.44 -30.39
CA ASP D 109 -12.53 -8.71 -30.57
C ASP D 109 -12.65 -8.13 -31.97
N PHE D 110 -11.72 -7.25 -32.35
CA PHE D 110 -11.86 -6.43 -33.53
C PHE D 110 -10.88 -6.88 -34.61
N TRP D 111 -11.40 -7.14 -35.80
CA TRP D 111 -10.61 -7.42 -36.98
C TRP D 111 -10.78 -6.27 -37.97
N GLY D 112 -9.67 -5.85 -38.57
CA GLY D 112 -9.73 -4.85 -39.60
C GLY D 112 -10.11 -5.45 -40.94
N GLN D 113 -10.07 -4.61 -41.97
CA GLN D 113 -10.23 -5.09 -43.33
C GLN D 113 -8.90 -5.72 -43.74
N GLY D 114 -8.70 -6.00 -45.03
CA GLY D 114 -7.51 -6.67 -45.47
C GLY D 114 -6.81 -5.92 -46.60
N THR D 115 -5.59 -6.35 -46.86
CA THR D 115 -4.85 -5.97 -48.05
C THR D 115 -4.42 -7.23 -48.78
N THR D 116 -4.45 -7.18 -50.11
CA THR D 116 -4.19 -8.34 -50.95
C THR D 116 -2.76 -8.30 -51.46
N LEU D 117 -2.08 -9.42 -51.36
CA LEU D 117 -0.72 -9.57 -51.85
C LEU D 117 -0.66 -10.79 -52.75
N THR D 118 -0.27 -10.60 -54.00
CA THR D 118 -0.16 -11.68 -54.97
C THR D 118 1.28 -11.83 -55.41
N VAL D 119 1.84 -13.01 -55.20
CA VAL D 119 3.20 -13.34 -55.62
C VAL D 119 3.10 -14.22 -56.86
N SER D 120 3.65 -13.73 -57.97
CA SER D 120 3.59 -14.45 -59.23
C SER D 120 4.64 -15.55 -59.30
N SER D 136 3.67 -31.45 -30.54
CA SER D 136 3.38 -31.11 -31.92
C SER D 136 2.07 -30.33 -32.00
N ASP D 137 1.70 -29.91 -33.21
CA ASP D 137 0.56 -29.03 -33.39
C ASP D 137 -0.75 -29.72 -33.03
N ILE D 138 -1.70 -28.93 -32.54
CA ILE D 138 -3.03 -29.42 -32.22
C ILE D 138 -3.90 -29.30 -33.47
N VAL D 139 -4.34 -30.44 -34.00
CA VAL D 139 -5.18 -30.49 -35.18
C VAL D 139 -6.63 -30.66 -34.74
N MET D 140 -7.52 -29.87 -35.32
CA MET D 140 -8.94 -30.01 -35.04
C MET D 140 -9.76 -29.75 -36.30
N THR D 141 -10.85 -30.49 -36.44
CA THR D 141 -11.54 -30.62 -37.71
C THR D 141 -13.04 -30.41 -37.53
N GLN D 142 -13.64 -29.77 -38.53
CA GLN D 142 -15.09 -29.63 -38.64
C GLN D 142 -15.54 -30.54 -39.78
N ALA D 143 -16.16 -31.66 -39.44
CA ALA D 143 -16.44 -32.70 -40.43
C ALA D 143 -17.38 -32.18 -41.51
N THR D 144 -18.49 -31.57 -41.12
CA THR D 144 -19.42 -31.04 -42.09
C THR D 144 -18.81 -29.84 -42.81
N SER D 145 -19.14 -29.71 -44.09
CA SER D 145 -18.67 -28.59 -44.90
C SER D 145 -19.78 -27.71 -45.44
N SER D 146 -21.00 -28.22 -45.58
CA SER D 146 -22.12 -27.39 -46.01
C SER D 146 -23.40 -27.89 -45.37
N VAL D 147 -24.31 -26.97 -45.11
CA VAL D 147 -25.61 -27.28 -44.50
C VAL D 147 -26.68 -26.41 -45.12
N PRO D 148 -27.75 -27.00 -45.69
CA PRO D 148 -28.86 -26.17 -46.18
C PRO D 148 -29.87 -25.88 -45.08
N VAL D 149 -30.13 -24.60 -44.83
CA VAL D 149 -30.99 -24.17 -43.73
C VAL D 149 -32.03 -23.20 -44.25
N THR D 150 -33.14 -23.10 -43.50
CA THR D 150 -34.25 -22.22 -43.81
C THR D 150 -34.55 -21.33 -42.63
N PRO D 151 -35.04 -20.11 -42.86
CA PRO D 151 -35.29 -19.17 -41.76
C PRO D 151 -36.30 -19.73 -40.77
N GLY D 152 -36.09 -19.37 -39.50
CA GLY D 152 -36.95 -19.80 -38.42
C GLY D 152 -36.65 -21.15 -37.84
N GLU D 153 -35.57 -21.80 -38.25
CA GLU D 153 -35.24 -23.15 -37.81
C GLU D 153 -34.15 -23.11 -36.74
N SER D 154 -33.66 -24.29 -36.36
CA SER D 154 -32.61 -24.43 -35.35
C SER D 154 -31.49 -25.29 -35.93
N VAL D 155 -30.26 -24.82 -35.79
CA VAL D 155 -29.11 -25.45 -36.43
C VAL D 155 -28.03 -25.69 -35.38
N SER D 156 -27.18 -26.69 -35.64
CA SER D 156 -26.04 -26.99 -34.78
C SER D 156 -24.80 -27.26 -35.62
N ILE D 157 -23.64 -26.86 -35.09
CA ILE D 157 -22.35 -27.07 -35.71
C ILE D 157 -21.44 -27.72 -34.69
N SER D 158 -20.49 -28.52 -35.16
CA SER D 158 -19.63 -29.30 -34.28
C SER D 158 -18.17 -29.12 -34.65
N CYS D 159 -17.31 -29.04 -33.63
CA CYS D 159 -15.87 -29.02 -33.76
C CYS D 159 -15.29 -30.03 -32.79
N ARG D 160 -14.25 -30.74 -33.23
CA ARG D 160 -13.62 -31.79 -32.43
C ARG D 160 -12.12 -31.59 -32.41
N SER D 161 -11.53 -31.72 -31.23
CA SER D 161 -10.11 -31.46 -31.02
C SER D 161 -9.31 -32.77 -31.02
N SER D 162 -7.99 -32.61 -30.98
CA SER D 162 -7.07 -33.75 -30.92
C SER D 162 -6.76 -34.13 -29.47
N LYS D 163 -6.23 -33.18 -28.70
CA LYS D 163 -6.04 -33.35 -27.27
C LYS D 163 -6.97 -32.41 -26.51
N SER D 164 -7.13 -32.69 -25.22
CA SER D 164 -8.10 -31.96 -24.41
C SER D 164 -7.71 -30.50 -24.26
N LEU D 165 -8.71 -29.63 -24.35
CA LEU D 165 -8.52 -28.19 -24.22
C LEU D 165 -8.86 -27.67 -22.83
N LEU D 166 -9.22 -28.55 -21.90
CA LEU D 166 -9.59 -28.15 -20.55
C LEU D 166 -8.34 -28.13 -19.67
N HIS D 167 -8.11 -27.00 -19.01
CA HIS D 167 -6.95 -26.78 -18.18
C HIS D 167 -7.27 -27.11 -16.72
N SER D 168 -6.21 -27.20 -15.92
CA SER D 168 -6.35 -27.51 -14.49
C SER D 168 -6.97 -26.36 -13.70
N ASN D 169 -7.11 -25.18 -14.28
CA ASN D 169 -7.78 -24.07 -13.61
C ASN D 169 -9.26 -23.97 -13.95
N GLY D 170 -9.78 -24.87 -14.77
CA GLY D 170 -11.20 -24.89 -15.07
C GLY D 170 -11.61 -24.16 -16.33
N ASN D 171 -10.66 -23.77 -17.17
CA ASN D 171 -10.96 -23.04 -18.40
C ASN D 171 -10.86 -23.96 -19.60
N THR D 172 -11.81 -23.80 -20.52
CA THR D 172 -11.76 -24.47 -21.82
C THR D 172 -11.55 -23.40 -22.88
N TYR D 173 -10.42 -23.49 -23.59
CA TYR D 173 -9.93 -22.41 -24.43
C TYR D 173 -10.36 -22.65 -25.89
N LEU D 174 -11.63 -22.41 -26.17
CA LEU D 174 -12.16 -22.56 -27.52
C LEU D 174 -12.97 -21.34 -27.92
N TYR D 175 -12.81 -20.94 -29.18
CA TYR D 175 -13.40 -19.72 -29.72
C TYR D 175 -14.22 -20.06 -30.97
N TRP D 176 -15.15 -19.17 -31.30
CA TRP D 176 -16.01 -19.32 -32.47
C TRP D 176 -16.06 -18.01 -33.24
N PHE D 177 -16.06 -18.10 -34.56
CA PHE D 177 -16.02 -16.93 -35.43
C PHE D 177 -17.04 -17.07 -36.56
N LEU D 178 -17.46 -15.92 -37.09
CA LEU D 178 -18.38 -15.85 -38.22
C LEU D 178 -17.86 -14.85 -39.23
N GLN D 179 -17.85 -15.24 -40.51
CA GLN D 179 -17.43 -14.37 -41.60
C GLN D 179 -18.54 -14.30 -42.63
N ARG D 180 -19.18 -13.15 -42.74
CA ARG D 180 -20.25 -12.94 -43.71
C ARG D 180 -19.66 -12.69 -45.10
N PRO D 181 -20.44 -12.91 -46.16
CA PRO D 181 -19.91 -12.76 -47.52
C PRO D 181 -19.44 -11.35 -47.81
N GLY D 182 -18.15 -11.23 -48.17
CA GLY D 182 -17.57 -9.95 -48.48
C GLY D 182 -17.11 -9.13 -47.29
N GLN D 183 -17.08 -9.71 -46.09
CA GLN D 183 -16.72 -9.00 -44.88
C GLN D 183 -15.58 -9.73 -44.18
N SER D 184 -15.15 -9.18 -43.06
CA SER D 184 -14.12 -9.74 -42.20
C SER D 184 -14.76 -10.45 -41.00
N PRO D 185 -14.09 -11.45 -40.43
CA PRO D 185 -14.71 -12.24 -39.36
C PRO D 185 -14.91 -11.44 -38.08
N GLN D 186 -15.85 -11.91 -37.27
CA GLN D 186 -16.14 -11.29 -35.99
C GLN D 186 -16.34 -12.38 -34.93
N LEU D 187 -16.17 -11.99 -33.67
CA LEU D 187 -16.25 -12.92 -32.56
C LEU D 187 -17.68 -13.18 -32.14
N LEU D 188 -17.97 -14.44 -31.80
CA LEU D 188 -19.26 -14.84 -31.23
C LEU D 188 -19.13 -15.36 -29.81
N ILE D 189 -18.23 -16.30 -29.56
CA ILE D 189 -18.09 -16.96 -28.26
C ILE D 189 -16.63 -16.99 -27.88
N TYR D 190 -16.33 -16.77 -26.60
CA TYR D 190 -14.99 -16.93 -26.09
C TYR D 190 -15.00 -17.82 -24.85
N ARG D 191 -14.01 -18.71 -24.77
CA ARG D 191 -13.86 -19.68 -23.67
C ARG D 191 -15.09 -20.57 -23.52
N MET D 192 -15.66 -20.96 -24.67
CA MET D 192 -16.64 -22.04 -24.86
C MET D 192 -18.04 -21.72 -24.36
N SER D 193 -18.21 -20.65 -23.60
CA SER D 193 -19.54 -20.36 -23.07
C SER D 193 -19.94 -18.90 -23.11
N ASN D 194 -19.01 -17.96 -23.18
CA ASN D 194 -19.30 -16.55 -22.98
C ASN D 194 -19.75 -15.90 -24.27
N LEU D 195 -20.78 -15.07 -24.17
CA LEU D 195 -21.35 -14.39 -25.34
C LEU D 195 -20.73 -13.00 -25.44
N ALA D 196 -20.23 -12.67 -26.62
CA ALA D 196 -19.52 -11.41 -26.81
C ALA D 196 -20.50 -10.24 -26.86
N SER D 197 -19.95 -9.03 -26.79
CA SER D 197 -20.76 -7.82 -26.78
C SER D 197 -21.34 -7.54 -28.15
N GLY D 198 -22.65 -7.30 -28.20
CA GLY D 198 -23.33 -7.01 -29.43
C GLY D 198 -23.94 -8.20 -30.14
N VAL D 199 -23.71 -9.41 -29.65
CA VAL D 199 -24.24 -10.62 -30.27
C VAL D 199 -25.60 -10.93 -29.67
N PRO D 200 -26.60 -11.26 -30.47
CA PRO D 200 -27.93 -11.56 -29.92
C PRO D 200 -27.93 -12.81 -29.06
N ASP D 201 -29.00 -12.94 -28.27
CA ASP D 201 -29.13 -14.00 -27.28
C ASP D 201 -29.40 -15.37 -27.90
N ARG D 202 -29.68 -15.45 -29.20
CA ARG D 202 -30.01 -16.74 -29.79
C ARG D 202 -28.78 -17.64 -29.98
N PHE D 203 -27.58 -17.08 -29.90
CA PHE D 203 -26.37 -17.89 -29.99
C PHE D 203 -26.01 -18.46 -28.62
N SER D 204 -25.57 -19.70 -28.60
CA SER D 204 -25.18 -20.37 -27.36
C SER D 204 -24.28 -21.54 -27.70
N GLY D 205 -23.14 -21.64 -27.01
CA GLY D 205 -22.20 -22.71 -27.23
C GLY D 205 -21.98 -23.52 -25.96
N SER D 206 -21.81 -24.82 -26.14
CA SER D 206 -21.59 -25.74 -25.03
C SER D 206 -20.57 -26.78 -25.45
N GLY D 207 -20.42 -27.82 -24.64
CA GLY D 207 -19.52 -28.91 -24.96
C GLY D 207 -18.70 -29.38 -23.79
N SER D 208 -17.86 -30.37 -24.01
CA SER D 208 -16.94 -30.86 -22.99
C SER D 208 -15.54 -30.91 -23.58
N GLY D 209 -14.59 -31.50 -22.87
CA GLY D 209 -13.27 -31.70 -23.42
C GLY D 209 -13.33 -32.55 -24.68
N THR D 210 -12.72 -32.07 -25.76
CA THR D 210 -12.55 -32.74 -27.05
C THR D 210 -13.85 -32.77 -27.87
N ALA D 211 -14.98 -32.35 -27.33
CA ALA D 211 -16.23 -32.32 -28.09
C ALA D 211 -16.93 -31.01 -27.82
N PHE D 212 -17.28 -30.28 -28.88
CA PHE D 212 -17.86 -28.95 -28.76
C PHE D 212 -18.97 -28.77 -29.78
N THR D 213 -19.88 -27.83 -29.47
CA THR D 213 -21.03 -27.57 -30.33
C THR D 213 -21.47 -26.13 -30.19
N LEU D 214 -22.11 -25.63 -31.25
CA LEU D 214 -22.69 -24.30 -31.28
C LEU D 214 -24.14 -24.41 -31.73
N THR D 215 -25.01 -23.61 -31.13
CA THR D 215 -26.44 -23.69 -31.38
C THR D 215 -26.99 -22.33 -31.80
N ILE D 216 -27.76 -22.31 -32.87
CA ILE D 216 -28.47 -21.13 -33.34
C ILE D 216 -29.96 -21.42 -33.28
N SER D 217 -30.71 -20.57 -32.61
CA SER D 217 -32.15 -20.73 -32.45
C SER D 217 -32.86 -19.58 -33.12
N ARG D 218 -33.97 -19.89 -33.79
CA ARG D 218 -34.74 -18.91 -34.56
C ARG D 218 -33.85 -18.25 -35.61
N LEU D 219 -33.32 -19.08 -36.50
CA LEU D 219 -32.38 -18.62 -37.52
C LEU D 219 -33.04 -17.58 -38.42
N GLU D 220 -32.32 -16.48 -38.64
CA GLU D 220 -32.76 -15.41 -39.52
C GLU D 220 -31.73 -15.20 -40.61
N ALA D 221 -32.08 -14.35 -41.57
CA ALA D 221 -31.11 -13.93 -42.56
C ALA D 221 -30.01 -13.11 -41.88
N GLU D 222 -29.00 -12.74 -42.66
CA GLU D 222 -27.79 -12.10 -42.13
C GLU D 222 -27.07 -12.99 -41.13
N ASP D 223 -27.32 -14.31 -41.17
CA ASP D 223 -26.60 -15.30 -40.40
C ASP D 223 -26.01 -16.38 -41.29
N VAL D 224 -25.82 -16.08 -42.58
CA VAL D 224 -25.28 -17.04 -43.53
C VAL D 224 -23.82 -16.70 -43.78
N GLY D 225 -22.97 -17.72 -43.72
CA GLY D 225 -21.54 -17.49 -43.85
C GLY D 225 -20.76 -18.72 -43.48
N VAL D 226 -19.51 -18.51 -43.08
CA VAL D 226 -18.60 -19.59 -42.70
C VAL D 226 -18.27 -19.45 -41.22
N TYR D 227 -18.23 -20.59 -40.52
CA TYR D 227 -18.02 -20.63 -39.07
C TYR D 227 -16.72 -21.35 -38.77
N TYR D 228 -15.93 -20.80 -37.86
CA TYR D 228 -14.58 -21.29 -37.59
C TYR D 228 -14.39 -21.54 -36.11
N CYS D 229 -13.62 -22.58 -35.77
CA CYS D 229 -13.22 -22.86 -34.41
C CYS D 229 -11.71 -22.73 -34.27
N MET D 230 -11.27 -22.21 -33.12
CA MET D 230 -9.87 -21.94 -32.84
C MET D 230 -9.56 -22.33 -31.40
N GLN D 231 -8.30 -22.70 -31.15
CA GLN D 231 -7.84 -23.05 -29.82
C GLN D 231 -6.81 -22.05 -29.33
N HIS D 232 -6.68 -21.93 -28.01
CA HIS D 232 -5.73 -20.99 -27.43
C HIS D 232 -4.98 -21.57 -26.23
N LEU D 233 -4.80 -22.90 -26.18
CA LEU D 233 -3.87 -23.46 -25.18
C LEU D 233 -2.43 -23.12 -25.50
N GLU D 234 -2.00 -23.36 -26.74
CA GLU D 234 -0.60 -23.36 -27.08
C GLU D 234 -0.37 -22.57 -28.36
N TYR D 235 0.89 -22.26 -28.61
CA TYR D 235 1.37 -21.66 -29.83
C TYR D 235 2.06 -22.71 -30.68
N PRO D 236 1.78 -22.81 -31.99
CA PRO D 236 0.95 -21.93 -32.83
C PRO D 236 -0.54 -22.06 -32.59
N LEU D 237 -1.29 -21.01 -32.94
CA LEU D 237 -2.74 -21.05 -32.88
C LEU D 237 -3.28 -21.68 -34.16
N THR D 238 -4.21 -22.62 -34.01
CA THR D 238 -4.69 -23.43 -35.11
C THR D 238 -6.18 -23.26 -35.30
N PHE D 239 -6.61 -23.32 -36.55
CA PHE D 239 -8.00 -23.14 -36.96
C PHE D 239 -8.58 -24.44 -37.50
N GLY D 240 -9.89 -24.44 -37.69
CA GLY D 240 -10.58 -25.49 -38.39
C GLY D 240 -10.64 -25.22 -39.88
N ALA D 241 -11.59 -25.87 -40.55
CA ALA D 241 -11.74 -25.72 -41.99
C ALA D 241 -12.92 -24.86 -42.40
N GLY D 242 -13.97 -24.79 -41.61
CA GLY D 242 -15.12 -23.97 -41.92
C GLY D 242 -16.38 -24.79 -42.14
N THR D 243 -17.52 -24.12 -42.06
CA THR D 243 -18.81 -24.77 -42.26
C THR D 243 -19.76 -23.76 -42.90
N LYS D 244 -20.02 -23.93 -44.20
CA LYS D 244 -20.99 -23.10 -44.89
C LYS D 244 -22.39 -23.30 -44.35
N LEU D 245 -23.16 -22.21 -44.31
CA LEU D 245 -24.60 -22.25 -44.11
C LEU D 245 -25.23 -21.49 -45.27
N GLU D 246 -25.99 -22.20 -46.09
CA GLU D 246 -26.67 -21.62 -47.25
C GLU D 246 -28.18 -21.67 -47.05
N LEU D 247 -28.87 -20.84 -47.82
CA LEU D 247 -30.32 -20.79 -47.74
C LEU D 247 -30.93 -22.10 -48.24
N GLN E 176 51.82 -23.72 26.91
CA GLN E 176 50.99 -22.67 27.49
C GLN E 176 49.98 -22.15 26.48
N THR E 177 50.08 -22.64 25.24
CA THR E 177 49.18 -22.22 24.18
C THR E 177 47.74 -22.69 24.40
N LEU E 178 47.51 -23.59 25.37
CA LEU E 178 46.15 -24.08 25.60
C LEU E 178 45.23 -22.98 26.07
N SER E 179 45.72 -22.09 26.96
CA SER E 179 44.88 -21.02 27.48
C SER E 179 44.45 -20.06 26.38
N PHE E 180 45.35 -19.75 25.45
CA PHE E 180 45.00 -18.89 24.33
C PHE E 180 43.94 -19.54 23.45
N THR E 181 44.05 -20.86 23.24
CA THR E 181 43.03 -21.56 22.48
C THR E 181 41.68 -21.51 23.20
N VAL E 182 41.69 -21.62 24.53
CA VAL E 182 40.46 -21.48 25.30
C VAL E 182 39.94 -20.05 25.24
N LEU E 183 40.85 -19.07 25.28
CA LEU E 183 40.45 -17.67 25.27
C LEU E 183 39.71 -17.30 24.00
N THR E 184 40.07 -17.92 22.87
CA THR E 184 39.36 -17.68 21.63
C THR E 184 38.03 -18.41 21.59
N CYS E 185 37.94 -19.60 22.20
CA CYS E 185 36.70 -20.37 22.17
C CYS E 185 35.58 -19.64 22.90
N ILE E 186 35.88 -19.07 24.06
CA ILE E 186 34.85 -18.37 24.82
C ILE E 186 34.38 -17.11 24.10
N ILE E 187 35.34 -16.32 23.61
CA ILE E 187 35.00 -15.04 23.00
C ILE E 187 34.30 -15.24 21.65
N SER E 188 34.84 -16.15 20.83
CA SER E 188 34.25 -16.39 19.52
C SER E 188 32.87 -17.04 19.59
N LEU E 189 32.46 -17.53 20.76
CA LEU E 189 31.16 -18.17 20.87
C LEU E 189 30.03 -17.14 20.87
N VAL E 190 30.24 -16.00 21.53
CA VAL E 190 29.23 -14.96 21.55
C VAL E 190 29.00 -14.39 20.16
N GLY E 191 30.08 -14.17 19.41
CA GLY E 191 29.94 -13.54 18.10
C GLY E 191 29.05 -14.31 17.16
N LEU E 192 29.18 -15.64 17.17
CA LEU E 192 28.29 -16.46 16.34
C LEU E 192 26.84 -16.30 16.79
N THR E 193 26.61 -16.22 18.10
CA THR E 193 25.26 -16.04 18.61
C THR E 193 24.73 -14.64 18.30
N GLY E 194 25.54 -13.61 18.54
CA GLY E 194 25.10 -12.25 18.29
C GLY E 194 24.87 -11.97 16.82
N ASN E 195 25.81 -12.41 15.96
CA ASN E 195 25.71 -12.15 14.54
C ASN E 195 24.67 -13.01 13.84
N ALA E 196 24.14 -14.05 14.51
CA ALA E 196 23.10 -14.86 13.90
C ALA E 196 21.77 -14.12 13.89
N VAL E 197 21.46 -13.40 14.97
CA VAL E 197 20.21 -12.65 15.05
C VAL E 197 20.17 -11.56 13.98
N VAL E 198 21.26 -10.81 13.86
CA VAL E 198 21.32 -9.71 12.89
C VAL E 198 21.17 -10.26 11.47
N LEU E 199 21.77 -11.41 11.20
CA LEU E 199 21.63 -12.04 9.90
C LEU E 199 20.19 -12.47 9.62
N TRP E 200 19.38 -12.66 10.65
CA TRP E 200 18.00 -13.10 10.50
C TRP E 200 17.00 -11.98 10.72
N LEU E 201 17.13 -11.24 11.83
CA LEU E 201 16.16 -10.19 12.15
C LEU E 201 16.16 -9.11 11.08
N LEU E 202 17.33 -8.67 10.63
CA LEU E 202 17.39 -7.70 9.55
C LEU E 202 17.09 -8.35 8.20
N GLY E 203 17.33 -9.65 8.07
CA GLY E 203 17.17 -10.30 6.78
C GLY E 203 15.72 -10.35 6.32
N TYR E 204 14.81 -10.71 7.20
CA TYR E 204 13.42 -10.86 6.80
C TYR E 204 12.44 -10.10 7.68
N ARG E 205 12.70 -9.98 8.97
CA ARG E 205 11.70 -9.45 9.90
C ARG E 205 11.47 -7.97 9.69
N MET E 206 12.54 -7.18 9.51
CA MET E 206 12.44 -5.73 9.50
C MET E 206 12.80 -5.19 8.12
N ARG E 207 12.52 -3.90 7.92
CA ARG E 207 12.82 -3.22 6.68
C ARG E 207 14.29 -2.78 6.65
N ARG E 208 14.70 -2.24 5.51
CA ARG E 208 16.09 -1.89 5.27
C ARG E 208 16.21 -0.40 4.96
N ASN E 209 17.09 0.28 5.69
CA ASN E 209 17.46 1.65 5.42
C ASN E 209 18.77 1.67 4.63
N ALA E 210 19.24 2.87 4.30
CA ALA E 210 20.48 3.01 3.55
C ALA E 210 21.71 2.59 4.34
N VAL E 211 21.58 2.40 5.65
CA VAL E 211 22.69 1.97 6.48
C VAL E 211 22.53 0.52 6.96
N SER E 212 21.30 0.03 7.08
CA SER E 212 21.10 -1.36 7.51
C SER E 212 21.71 -2.34 6.52
N ILE E 213 21.84 -1.95 5.26
CA ILE E 213 22.47 -2.81 4.26
C ILE E 213 23.93 -3.05 4.62
N TYR E 214 24.64 -1.97 4.96
CA TYR E 214 26.05 -2.10 5.33
C TYR E 214 26.22 -2.92 6.61
N ILE E 215 25.24 -2.86 7.51
CA ILE E 215 25.32 -3.65 8.74
C ILE E 215 25.10 -5.13 8.43
N LEU E 216 24.24 -5.43 7.45
CA LEU E 216 24.06 -6.81 7.02
C LEU E 216 25.36 -7.39 6.48
N ASN E 217 25.91 -6.77 5.44
CA ASN E 217 27.15 -7.24 4.82
C ASN E 217 28.30 -7.30 5.81
N LEU E 218 28.27 -6.49 6.87
CA LEU E 218 29.29 -6.57 7.90
C LEU E 218 29.09 -7.78 8.81
N ALA E 219 27.84 -8.19 9.01
CA ALA E 219 27.57 -9.36 9.84
C ALA E 219 27.90 -10.66 9.10
N ALA E 220 27.73 -10.69 7.79
CA ALA E 220 28.14 -11.85 7.02
C ALA E 220 29.65 -12.06 7.10
N ALA E 221 30.41 -10.98 6.96
CA ALA E 221 31.86 -11.06 7.05
C ALA E 221 32.35 -11.38 8.46
N ASP E 222 31.47 -11.30 9.46
CA ASP E 222 31.86 -11.70 10.80
C ASP E 222 31.47 -13.14 11.11
N PHE E 223 30.53 -13.71 10.36
CA PHE E 223 30.24 -15.13 10.50
C PHE E 223 31.37 -15.98 9.91
N LEU E 224 31.83 -15.61 8.70
CA LEU E 224 32.87 -16.39 8.05
C LEU E 224 34.19 -16.30 8.80
N PHE E 225 34.58 -15.10 9.22
CA PHE E 225 35.87 -14.94 9.88
C PHE E 225 35.93 -15.72 11.18
N LEU E 226 34.84 -15.71 11.96
CA LEU E 226 34.82 -16.46 13.20
C LEU E 226 34.57 -17.94 13.00
N SER E 227 34.07 -18.37 11.84
CA SER E 227 33.91 -19.79 11.57
C SER E 227 35.26 -20.49 11.48
N PHE E 228 36.24 -19.87 10.81
CA PHE E 228 37.58 -20.43 10.80
C PHE E 228 38.20 -20.44 12.19
N GLN E 229 37.78 -19.53 13.05
CA GLN E 229 38.41 -19.40 14.36
C GLN E 229 38.21 -20.64 15.21
N ILE E 230 37.00 -21.19 15.21
CA ILE E 230 36.70 -22.34 16.07
C ILE E 230 37.32 -23.62 15.52
N ILE E 231 37.19 -23.82 14.20
CA ILE E 231 37.70 -25.09 13.59
C ILE E 231 39.21 -25.17 13.81
N ARG E 232 39.82 -24.08 14.28
CA ARG E 232 41.27 -24.11 14.62
C ARG E 232 41.49 -25.09 15.75
N LEU E 233 40.65 -25.06 16.79
CA LEU E 233 40.76 -26.01 17.92
C LEU E 233 40.62 -27.45 17.38
N PRO E 234 39.58 -27.78 16.60
CA PRO E 234 39.41 -29.17 16.13
C PRO E 234 40.51 -29.64 15.20
N LEU E 235 41.02 -28.76 14.34
CA LEU E 235 42.09 -29.15 13.43
C LEU E 235 43.46 -29.14 14.08
N ARG E 236 43.57 -28.65 15.32
CA ARG E 236 44.82 -28.72 16.06
C ARG E 236 45.02 -30.08 16.70
N LEU E 237 44.03 -30.97 16.61
CA LEU E 237 44.14 -32.26 17.29
C LEU E 237 45.16 -33.17 16.62
N ILE E 238 45.11 -33.29 15.30
CA ILE E 238 45.80 -34.36 14.58
C ILE E 238 47.09 -33.85 13.90
N ASN E 239 46.97 -33.01 12.88
CA ASN E 239 48.11 -32.62 12.06
C ASN E 239 47.61 -31.68 10.96
N ILE E 240 48.57 -31.10 10.24
CA ILE E 240 48.28 -30.31 9.06
C ILE E 240 49.55 -30.22 8.22
N SER E 241 49.40 -30.37 6.92
CA SER E 241 50.52 -30.26 6.00
C SER E 241 50.84 -28.79 5.74
N HIS E 242 52.08 -28.39 6.00
CA HIS E 242 52.43 -26.98 5.92
C HIS E 242 52.40 -26.46 4.49
N LEU E 243 52.35 -27.34 3.50
CA LEU E 243 52.03 -26.89 2.15
C LEU E 243 50.58 -26.48 2.02
N ILE E 244 49.74 -26.83 2.98
CA ILE E 244 48.33 -26.47 2.96
C ILE E 244 47.94 -25.53 4.08
N ARG E 245 48.65 -25.51 5.20
CA ARG E 245 48.29 -24.63 6.30
C ARG E 245 48.40 -23.16 5.89
N LYS E 246 49.33 -22.83 5.00
CA LYS E 246 49.39 -21.48 4.46
C LYS E 246 48.16 -21.16 3.62
N ILE E 247 47.57 -22.18 2.98
CA ILE E 247 46.38 -21.96 2.16
C ILE E 247 45.20 -21.56 3.04
N LEU E 248 45.20 -22.01 4.31
CA LEU E 248 44.12 -21.64 5.21
C LEU E 248 44.19 -20.16 5.59
N VAL E 249 45.39 -19.67 5.91
CA VAL E 249 45.54 -18.27 6.34
C VAL E 249 45.21 -17.32 5.20
N SER E 250 45.71 -17.61 4.00
CA SER E 250 45.53 -16.69 2.88
C SER E 250 44.07 -16.55 2.46
N VAL E 251 43.20 -17.45 2.92
CA VAL E 251 41.78 -17.36 2.62
C VAL E 251 41.07 -16.77 3.83
N MET E 252 41.60 -17.02 5.03
CA MET E 252 41.04 -16.43 6.23
C MET E 252 41.27 -14.92 6.28
N THR E 253 42.21 -14.41 5.50
CA THR E 253 42.45 -12.97 5.38
C THR E 253 41.53 -12.33 4.34
N PHE E 254 40.81 -13.13 3.56
CA PHE E 254 39.79 -12.57 2.67
C PHE E 254 38.64 -11.91 3.43
N PRO E 255 38.01 -12.55 4.43
CA PRO E 255 36.92 -11.85 5.13
C PRO E 255 37.40 -10.79 6.12
N TYR E 256 38.66 -10.85 6.55
CA TYR E 256 39.19 -9.84 7.46
C TYR E 256 39.20 -8.46 6.80
N PHE E 257 39.54 -8.40 5.52
CA PHE E 257 39.61 -7.12 4.83
C PHE E 257 38.22 -6.53 4.58
N THR E 258 37.25 -7.37 4.23
CA THR E 258 35.94 -6.85 3.85
C THR E 258 35.12 -6.40 5.04
N GLY E 259 35.32 -6.99 6.22
CA GLY E 259 34.68 -6.48 7.41
C GLY E 259 35.36 -5.26 7.98
N LEU E 260 36.60 -5.02 7.60
CA LEU E 260 37.38 -3.87 8.05
C LEU E 260 37.21 -2.69 7.10
N SER E 261 36.47 -2.87 6.01
CA SER E 261 36.20 -1.83 5.04
C SER E 261 34.74 -1.42 4.99
N MET E 262 33.84 -2.14 5.65
CA MET E 262 32.47 -1.66 5.79
C MET E 262 32.32 -0.69 6.94
N LEU E 263 33.23 -0.74 7.92
CA LEU E 263 33.25 0.28 8.96
C LEU E 263 33.69 1.63 8.41
N SER E 264 34.51 1.64 7.36
CA SER E 264 34.87 2.88 6.71
C SER E 264 33.79 3.39 5.77
N ALA E 265 32.81 2.57 5.45
CA ALA E 265 31.67 3.00 4.65
C ALA E 265 30.49 3.46 5.51
N ILE E 266 30.35 2.91 6.72
CA ILE E 266 29.28 3.36 7.61
C ILE E 266 29.56 4.77 8.13
N SER E 267 30.80 5.04 8.50
CA SER E 267 31.14 6.36 9.03
C SER E 267 31.10 7.43 7.96
N THR E 268 31.45 7.10 6.72
CA THR E 268 31.38 8.08 5.64
C THR E 268 29.93 8.41 5.30
N GLU E 269 29.03 7.42 5.38
CA GLU E 269 27.64 7.68 5.04
C GLU E 269 26.92 8.48 6.11
N ARG E 270 27.32 8.34 7.37
CA ARG E 270 26.74 9.16 8.42
C ARG E 270 27.17 10.62 8.28
N CYS E 271 28.40 10.85 7.84
CA CYS E 271 28.89 12.21 7.66
C CYS E 271 28.11 12.95 6.59
N LEU E 272 27.76 12.27 5.49
CA LEU E 272 27.00 12.91 4.42
C LEU E 272 25.56 13.14 4.82
N SER E 273 25.01 12.32 5.71
CA SER E 273 23.64 12.49 6.17
C SER E 273 23.47 13.78 6.95
N VAL E 274 24.47 14.13 7.77
CA VAL E 274 24.38 15.33 8.61
C VAL E 274 24.76 16.57 7.81
N LEU E 275 25.80 16.47 6.97
CA LEU E 275 26.24 17.62 6.19
C LEU E 275 25.17 18.11 5.24
N TRP E 276 24.57 17.19 4.49
CA TRP E 276 23.58 17.52 3.45
C TRP E 276 22.33 16.70 3.70
N PRO E 277 21.47 17.15 4.61
CA PRO E 277 20.35 16.28 5.01
C PRO E 277 19.24 16.17 3.97
N ILE E 278 18.87 17.28 3.33
CA ILE E 278 17.78 17.25 2.36
C ILE E 278 18.15 16.38 1.17
N TRP E 279 19.41 16.42 0.73
CA TRP E 279 19.85 15.58 -0.37
C TRP E 279 19.71 14.10 -0.02
N TYR E 280 20.10 13.71 1.18
CA TYR E 280 20.19 12.30 1.54
C TYR E 280 18.84 11.62 1.57
N ARG E 281 17.75 12.38 1.67
CA ARG E 281 16.41 11.81 1.73
C ARG E 281 15.60 11.97 0.47
N CYS E 282 15.92 12.95 -0.38
CA CYS E 282 15.09 13.28 -1.52
C CYS E 282 15.73 13.00 -2.88
N ARG E 283 17.04 13.08 -2.99
CA ARG E 283 17.73 13.13 -4.27
C ARG E 283 18.91 12.17 -4.29
N ARG E 284 18.68 10.92 -3.90
CA ARG E 284 19.75 9.95 -3.78
C ARG E 284 19.35 8.64 -4.46
N PRO E 285 20.23 8.06 -5.27
CA PRO E 285 19.90 6.77 -5.90
C PRO E 285 19.63 5.69 -4.87
N THR E 286 18.65 4.84 -5.17
CA THR E 286 18.20 3.86 -4.19
C THR E 286 19.17 2.69 -4.08
N HIS E 287 19.75 2.26 -5.20
CA HIS E 287 20.60 1.07 -5.24
C HIS E 287 22.08 1.40 -5.06
N LEU E 288 22.42 2.65 -4.72
CA LEU E 288 23.81 3.00 -4.51
C LEU E 288 24.44 2.20 -3.40
N SER E 289 23.64 1.78 -2.42
CA SER E 289 24.16 0.99 -1.31
C SER E 289 24.67 -0.37 -1.79
N ALA E 290 23.90 -1.03 -2.65
CA ALA E 290 24.29 -2.36 -3.13
C ALA E 290 25.45 -2.29 -4.10
N VAL E 291 25.50 -1.24 -4.93
CA VAL E 291 26.56 -1.12 -5.91
C VAL E 291 27.93 -1.00 -5.24
N VAL E 292 28.01 -0.19 -4.18
CA VAL E 292 29.28 0.00 -3.51
C VAL E 292 29.69 -1.26 -2.74
N CYS E 293 28.71 -2.04 -2.27
CA CYS E 293 29.04 -3.23 -1.49
C CYS E 293 29.82 -4.25 -2.31
N VAL E 294 29.41 -4.50 -3.55
CA VAL E 294 30.10 -5.50 -4.37
C VAL E 294 31.47 -5.01 -4.77
N LEU E 295 31.60 -3.71 -5.08
CA LEU E 295 32.91 -3.16 -5.41
C LEU E 295 33.89 -3.33 -4.26
N LEU E 296 33.40 -3.30 -3.03
CA LEU E 296 34.25 -3.52 -1.87
C LEU E 296 34.61 -4.99 -1.70
N TRP E 297 33.71 -5.89 -2.08
CA TRP E 297 34.05 -7.31 -2.08
C TRP E 297 35.15 -7.62 -3.10
N GLY E 298 35.07 -7.01 -4.28
CA GLY E 298 36.03 -7.32 -5.33
C GLY E 298 37.44 -6.88 -5.01
N LEU E 299 37.60 -5.69 -4.42
CA LEU E 299 38.92 -5.22 -4.04
C LEU E 299 39.43 -5.89 -2.78
N SER E 300 38.56 -6.55 -2.03
CA SER E 300 38.98 -7.16 -0.77
C SER E 300 39.91 -8.35 -0.99
N LEU E 301 39.52 -9.26 -1.87
CA LEU E 301 40.38 -10.42 -2.14
C LEU E 301 41.60 -10.05 -2.98
N LEU E 302 41.51 -8.98 -3.77
CA LEU E 302 42.66 -8.55 -4.55
C LEU E 302 43.83 -8.17 -3.65
N PHE E 303 43.57 -7.44 -2.57
CA PHE E 303 44.62 -7.06 -1.63
C PHE E 303 44.93 -8.14 -0.61
N SER E 304 44.08 -9.15 -0.49
CA SER E 304 44.34 -10.27 0.41
C SER E 304 45.24 -11.33 -0.21
N MET E 305 45.51 -11.24 -1.51
CA MET E 305 46.36 -12.21 -2.20
C MET E 305 47.83 -11.81 -2.19
N LEU E 306 48.19 -10.75 -1.48
CA LEU E 306 49.56 -10.24 -1.52
C LEU E 306 50.11 -10.02 -0.12
N GLU E 307 49.72 -10.85 0.85
CA GLU E 307 50.04 -10.55 2.24
C GLU E 307 51.01 -11.53 2.87
N TRP E 308 50.70 -12.82 2.88
CA TRP E 308 51.46 -13.81 3.64
C TRP E 308 52.49 -14.53 2.78
N ARG E 309 53.12 -13.83 1.84
CA ARG E 309 53.98 -14.43 0.83
C ARG E 309 53.21 -15.45 -0.01
N PHE E 310 52.11 -15.00 -0.60
CA PHE E 310 51.42 -15.73 -1.65
C PHE E 310 51.88 -15.21 -3.01
N CYS E 311 53.19 -15.24 -3.24
CA CYS E 311 53.80 -14.73 -4.46
C CYS E 311 54.41 -15.87 -5.28
N ASP E 312 53.74 -17.03 -5.28
CA ASP E 312 54.17 -18.17 -6.08
C ASP E 312 53.80 -18.04 -7.54
N PHE E 313 53.01 -17.04 -7.91
CA PHE E 313 52.63 -16.83 -9.30
C PHE E 313 53.58 -15.84 -9.98
N TRP E 322 56.67 -9.05 -9.18
CA TRP E 322 57.86 -8.61 -8.46
C TRP E 322 57.71 -8.83 -6.96
N CYS E 323 57.96 -10.07 -6.53
CA CYS E 323 57.89 -10.39 -5.11
C CYS E 323 59.03 -9.70 -4.36
N GLU E 324 58.86 -9.60 -3.04
CA GLU E 324 59.74 -8.92 -2.10
C GLU E 324 59.60 -7.40 -2.13
N THR E 325 58.80 -6.84 -3.04
CA THR E 325 58.53 -5.41 -3.06
C THR E 325 57.06 -5.07 -3.17
N SER E 326 56.22 -5.99 -3.67
CA SER E 326 54.79 -5.77 -3.72
C SER E 326 54.08 -6.19 -2.43
N ASP E 327 54.81 -6.78 -1.49
CA ASP E 327 54.22 -7.11 -0.19
C ASP E 327 53.92 -5.88 0.64
N PHE E 328 54.40 -4.71 0.22
CA PHE E 328 54.20 -3.45 0.98
C PHE E 328 52.93 -2.71 0.52
N ILE E 329 52.29 -3.15 -0.56
CA ILE E 329 51.10 -2.45 -1.06
C ILE E 329 49.87 -2.72 -0.21
N PRO E 330 49.66 -3.90 0.40
CA PRO E 330 48.48 -4.04 1.28
C PRO E 330 48.53 -3.14 2.50
N VAL E 331 49.71 -2.68 2.91
CA VAL E 331 49.80 -1.72 4.01
C VAL E 331 49.19 -0.38 3.60
N ALA E 332 49.41 0.03 2.35
CA ALA E 332 48.80 1.24 1.86
C ALA E 332 47.28 1.18 1.86
N TRP E 333 46.70 -0.02 1.84
CA TRP E 333 45.25 -0.14 1.91
C TRP E 333 44.74 0.14 3.32
N LEU E 334 45.43 -0.36 4.34
CA LEU E 334 44.95 -0.17 5.71
C LEU E 334 45.20 1.24 6.22
N ILE E 335 46.25 1.91 5.73
CA ILE E 335 46.49 3.29 6.15
C ILE E 335 45.46 4.23 5.54
N PHE E 336 45.08 4.00 4.29
CA PHE E 336 44.05 4.81 3.66
C PHE E 336 42.69 4.62 4.32
N LEU E 337 42.41 3.42 4.82
CA LEU E 337 41.15 3.19 5.52
C LEU E 337 41.15 3.81 6.90
N CYS E 338 42.30 3.83 7.57
CA CYS E 338 42.37 4.48 8.88
C CYS E 338 42.19 5.99 8.75
N VAL E 339 42.66 6.58 7.66
CA VAL E 339 42.49 8.01 7.45
C VAL E 339 41.02 8.35 7.23
N VAL E 340 40.31 7.54 6.45
CA VAL E 340 38.92 7.83 6.12
C VAL E 340 38.04 7.80 7.35
N LEU E 341 38.26 6.84 8.25
CA LEU E 341 37.38 6.69 9.40
C LEU E 341 37.60 7.81 10.41
N CYS E 342 38.84 8.28 10.57
CA CYS E 342 39.11 9.34 11.53
C CYS E 342 38.66 10.71 11.02
N VAL E 343 38.81 10.97 9.73
CA VAL E 343 38.39 12.24 9.16
C VAL E 343 36.87 12.35 9.13
N SER E 344 36.19 11.28 8.73
CA SER E 344 34.74 11.31 8.62
C SER E 344 34.07 11.46 9.98
N SER E 345 34.62 10.82 11.01
CA SER E 345 34.04 10.92 12.34
C SER E 345 34.36 12.24 13.02
N LEU E 346 35.54 12.80 12.76
CA LEU E 346 35.90 14.09 13.34
C LEU E 346 35.02 15.21 12.79
N VAL E 347 34.73 15.18 11.49
CA VAL E 347 33.94 16.25 10.87
C VAL E 347 32.52 16.25 11.41
N LEU E 348 31.90 15.07 11.55
CA LEU E 348 30.54 15.00 12.07
C LEU E 348 30.44 15.62 13.46
N LEU E 349 31.49 15.52 14.26
CA LEU E 349 31.45 16.04 15.62
C LEU E 349 31.61 17.55 15.64
N VAL E 350 32.28 18.12 14.64
CA VAL E 350 32.45 19.57 14.57
C VAL E 350 31.09 20.26 14.46
N ARG E 351 30.22 19.76 13.58
CA ARG E 351 29.00 20.50 13.26
C ARG E 351 27.83 20.17 14.16
N ILE E 352 27.97 19.24 15.09
CA ILE E 352 27.00 19.16 16.19
C ILE E 352 27.47 19.99 17.37
N LEU E 353 28.78 20.26 17.48
CA LEU E 353 29.27 21.20 18.48
C LEU E 353 28.92 22.63 18.11
N CYS E 354 29.11 23.01 16.85
CA CYS E 354 28.79 24.36 16.39
C CYS E 354 27.37 24.39 15.83
N GLY E 355 26.42 24.08 16.71
CA GLY E 355 25.01 24.06 16.34
C GLY E 355 24.15 24.92 17.24
N SER E 356 23.04 24.37 17.72
CA SER E 356 22.14 25.13 18.58
C SER E 356 21.30 24.17 19.41
N ARG E 357 21.53 24.16 20.73
CA ARG E 357 20.70 23.45 21.69
C ARG E 357 20.62 21.95 21.38
N LYS E 358 21.76 21.28 21.47
CA LYS E 358 21.84 19.84 21.28
C LYS E 358 21.86 19.17 22.65
N MET E 359 20.67 18.90 23.16
CA MET E 359 20.52 18.28 24.48
C MET E 359 20.97 16.83 24.44
N PRO E 360 20.87 16.16 23.28
CA PRO E 360 21.22 14.73 23.23
C PRO E 360 22.72 14.49 23.07
N LEU E 361 23.52 15.50 23.39
CA LEU E 361 24.96 15.46 23.16
C LEU E 361 25.68 14.43 24.03
N THR E 362 25.00 13.87 25.04
CA THR E 362 25.65 12.86 25.89
C THR E 362 25.90 11.57 25.11
N ARG E 363 24.97 11.18 24.25
CA ARG E 363 25.10 9.93 23.51
C ARG E 363 25.93 10.06 22.25
N LEU E 364 26.42 11.25 21.94
CA LEU E 364 27.23 11.44 20.73
C LEU E 364 28.70 11.18 20.99
N TYR E 365 29.26 11.75 22.05
CA TYR E 365 30.67 11.57 22.35
C TYR E 365 31.01 10.11 22.64
N VAL E 366 30.11 9.43 23.35
CA VAL E 366 30.36 8.03 23.70
C VAL E 366 30.45 7.16 22.47
N THR E 367 29.54 7.35 21.51
CA THR E 367 29.51 6.49 20.33
C THR E 367 30.69 6.75 19.41
N ILE E 368 31.02 8.02 19.18
CA ILE E 368 32.08 8.34 18.24
C ILE E 368 33.44 7.88 18.78
N LEU E 369 33.70 8.13 20.06
CA LEU E 369 34.96 7.72 20.64
C LEU E 369 35.07 6.19 20.69
N LEU E 370 34.00 5.52 21.09
CA LEU E 370 34.02 4.06 21.21
C LEU E 370 34.19 3.37 19.86
N THR E 371 33.81 4.03 18.77
CA THR E 371 33.97 3.44 17.45
C THR E 371 35.39 3.54 16.93
N VAL E 372 36.13 4.59 17.29
CA VAL E 372 37.47 4.78 16.74
C VAL E 372 38.54 4.04 17.54
N LEU E 373 38.36 3.84 18.84
CA LEU E 373 39.35 3.11 19.61
C LEU E 373 39.28 1.61 19.35
N VAL E 374 38.08 1.05 19.17
CA VAL E 374 37.97 -0.38 18.91
C VAL E 374 38.55 -0.73 17.55
N PHE E 375 38.32 0.12 16.54
CA PHE E 375 38.89 -0.13 15.23
C PHE E 375 40.40 -0.11 15.26
N LEU E 376 40.98 0.90 15.92
CA LEU E 376 42.41 1.13 15.86
C LEU E 376 43.21 0.31 16.87
N LEU E 377 42.57 -0.17 17.95
CA LEU E 377 43.27 -0.97 18.94
C LEU E 377 42.91 -2.45 18.92
N CYS E 378 41.80 -2.83 18.30
CA CYS E 378 41.39 -4.22 18.27
C CYS E 378 41.16 -4.78 16.87
N GLY E 379 41.34 -4.00 15.82
CA GLY E 379 41.08 -4.50 14.49
C GLY E 379 42.21 -4.42 13.48
N LEU E 380 43.11 -3.45 13.62
CA LEU E 380 44.24 -3.33 12.71
C LEU E 380 45.43 -4.24 12.98
N PRO E 381 45.79 -4.55 14.23
CA PRO E 381 47.08 -5.26 14.45
C PRO E 381 47.26 -6.54 13.66
N PHE E 382 46.21 -7.30 13.41
CA PHE E 382 46.36 -8.54 12.65
C PHE E 382 46.82 -8.26 11.22
N GLY E 383 46.22 -7.29 10.56
CA GLY E 383 46.49 -7.06 9.15
C GLY E 383 47.75 -6.31 8.84
N ILE E 384 48.50 -5.88 9.86
CA ILE E 384 49.79 -5.23 9.66
C ILE E 384 50.89 -6.27 9.89
N LEU E 385 50.66 -7.19 10.83
CA LEU E 385 51.58 -8.30 11.02
C LEU E 385 51.65 -9.17 9.79
N GLY E 386 50.53 -9.32 9.08
CA GLY E 386 50.53 -10.15 7.90
C GLY E 386 51.44 -9.64 6.81
N ALA E 387 51.58 -8.32 6.69
CA ALA E 387 52.36 -7.72 5.62
C ALA E 387 53.73 -7.24 6.07
N LEU E 388 54.16 -7.55 7.29
CA LEU E 388 55.48 -7.13 7.73
C LEU E 388 56.23 -8.18 8.53
N ILE E 389 55.94 -9.47 8.34
CA ILE E 389 56.52 -10.47 9.23
C ILE E 389 57.87 -10.98 8.74
N TYR E 390 58.11 -10.97 7.44
CA TYR E 390 59.39 -11.46 6.93
C TYR E 390 60.45 -10.38 6.87
N ARG E 391 60.09 -9.12 7.08
CA ARG E 391 61.09 -8.09 7.37
C ARG E 391 61.57 -8.16 8.81
N MET E 392 60.68 -8.49 9.74
CA MET E 392 61.05 -8.65 11.13
C MET E 392 61.30 -10.13 11.38
N HIS E 393 62.52 -10.56 11.09
CA HIS E 393 62.91 -11.97 11.19
C HIS E 393 63.97 -12.15 12.27
N LEU E 394 63.76 -11.52 13.43
CA LEU E 394 64.72 -11.63 14.52
C LEU E 394 64.81 -13.07 15.02
N ASN E 395 63.67 -13.74 15.16
CA ASN E 395 63.67 -15.13 15.63
C ASN E 395 62.94 -16.07 14.68
N LEU E 396 61.80 -15.64 14.12
CA LEU E 396 61.03 -16.41 13.16
C LEU E 396 60.48 -17.71 13.75
N GLU E 397 60.71 -17.95 15.04
CA GLU E 397 60.10 -19.08 15.72
C GLU E 397 59.49 -18.66 17.05
N VAL E 398 60.10 -17.66 17.70
CA VAL E 398 59.66 -17.27 19.05
C VAL E 398 58.32 -16.55 19.01
N LEU E 399 58.09 -15.72 17.99
CA LEU E 399 56.96 -14.82 17.99
C LEU E 399 55.62 -15.51 17.69
N TYR E 400 55.63 -16.78 17.28
CA TYR E 400 54.38 -17.44 16.95
C TYR E 400 53.50 -17.63 18.17
N CYS E 401 54.10 -17.94 19.32
CA CYS E 401 53.31 -18.29 20.50
C CYS E 401 52.65 -17.07 21.13
N HIS E 402 53.24 -15.89 21.00
CA HIS E 402 52.76 -14.70 21.68
C HIS E 402 52.23 -13.64 20.72
N VAL E 403 53.02 -13.25 19.72
CA VAL E 403 52.59 -12.19 18.81
C VAL E 403 51.40 -12.63 17.98
N TYR E 404 51.47 -13.82 17.39
CA TYR E 404 50.40 -14.28 16.52
C TYR E 404 49.13 -14.56 17.30
N LEU E 405 49.25 -15.16 18.48
CA LEU E 405 48.06 -15.54 19.24
C LEU E 405 47.34 -14.33 19.81
N VAL E 406 48.08 -13.31 20.23
CA VAL E 406 47.44 -12.07 20.69
C VAL E 406 46.71 -11.40 19.53
N CYS E 407 47.34 -11.35 18.36
CA CYS E 407 46.73 -10.72 17.20
C CYS E 407 45.47 -11.44 16.78
N MET E 408 45.48 -12.78 16.85
CA MET E 408 44.26 -13.55 16.53
C MET E 408 43.21 -13.30 17.63
N SER E 409 43.62 -13.21 18.89
CA SER E 409 42.66 -12.98 19.97
C SER E 409 42.04 -11.59 19.87
N LEU E 410 42.85 -10.57 19.61
CA LEU E 410 42.34 -9.21 19.51
C LEU E 410 41.43 -9.06 18.30
N SER E 411 41.88 -9.52 17.13
CA SER E 411 41.07 -9.46 15.92
C SER E 411 39.74 -10.18 16.11
N SER E 412 39.70 -11.17 17.00
CA SER E 412 38.44 -11.83 17.33
C SER E 412 37.57 -10.98 18.25
N LEU E 413 38.19 -10.12 19.07
CA LEU E 413 37.41 -9.29 19.97
C LEU E 413 36.72 -8.14 19.23
N ASN E 414 37.26 -7.72 18.09
CA ASN E 414 36.60 -6.69 17.30
C ASN E 414 35.38 -7.26 16.58
N SER E 415 35.50 -8.46 16.03
CA SER E 415 34.39 -9.07 15.31
C SER E 415 33.27 -9.54 16.22
N SER E 416 33.50 -9.63 17.52
CA SER E 416 32.47 -10.05 18.46
C SER E 416 31.75 -8.89 19.12
N ALA E 417 32.35 -7.70 19.14
CA ALA E 417 31.74 -6.54 19.78
C ALA E 417 30.98 -5.66 18.80
N ASN E 418 30.88 -6.05 17.54
CA ASN E 418 30.33 -5.17 16.52
C ASN E 418 28.80 -5.07 16.56
N PRO E 419 28.06 -6.18 16.52
CA PRO E 419 26.59 -6.05 16.50
C PRO E 419 26.03 -5.38 17.73
N ILE E 420 26.71 -5.46 18.87
CA ILE E 420 26.28 -4.73 20.06
C ILE E 420 26.42 -3.23 19.84
N ILE E 421 27.55 -2.80 19.28
CA ILE E 421 27.81 -1.38 19.10
C ILE E 421 26.87 -0.79 18.05
N TYR E 422 26.66 -1.49 16.95
CA TYR E 422 25.98 -0.90 15.81
C TYR E 422 24.49 -1.20 15.74
N PHE E 423 24.03 -2.28 16.36
CA PHE E 423 22.64 -2.67 16.22
C PHE E 423 21.90 -2.83 17.54
N PHE E 424 22.56 -3.40 18.55
CA PHE E 424 21.82 -3.76 19.77
C PHE E 424 21.48 -2.54 20.61
N VAL E 425 22.30 -1.49 20.56
CA VAL E 425 21.97 -0.27 21.30
C VAL E 425 20.72 0.39 20.72
N GLY E 426 20.53 0.30 19.39
CA GLY E 426 19.34 0.90 18.79
C GLY E 426 18.06 0.18 19.16
N SER E 427 18.09 -1.16 19.18
CA SER E 427 16.90 -1.91 19.53
C SER E 427 16.48 -1.66 20.97
N PHE E 428 17.44 -1.59 21.89
CA PHE E 428 17.13 -1.29 23.28
C PHE E 428 16.79 0.17 23.52
N ARG E 429 17.13 1.06 22.58
CA ARG E 429 16.83 2.47 22.75
C ARG E 429 15.32 2.72 22.78
N GLN E 430 14.57 2.04 21.92
CA GLN E 430 13.13 2.18 21.87
C GLN E 430 12.45 0.89 21.46
#